data_2Z5J
#
_entry.id   2Z5J
#
_cell.length_a   107.467
_cell.length_b   107.467
_cell.length_c   194.772
_cell.angle_alpha   90.00
_cell.angle_beta   90.00
_cell.angle_gamma   90.00
#
_symmetry.space_group_name_H-M   'P 41 21 2'
#
_entity_poly.entity_id   1
_entity_poly.type   'polypeptide(L)'
_entity_poly.pdbx_seq_one_letter_code
;MEYEWKPDEQGLQQILQLLKESQSPDTTIQRTVQQKLEQLNQYPDFNNYLIFVLTKLKSEDEPTRSLSGLILKNNVKAHF
QNFPNGVTDFIKSECLNNIGDSSPLIRATVGILITTIASKGELQNWPDLLPKLCSLLDSEDYNTCEGAFGALQKICEDSA
EILDSDVLDRPLNIMIPKFLQFFKHSSPKIRSHAVACVNQFIISRTQALMLHIDSFIENLFALAGDEEPEVRKNVCRALV
MLLEVRMDRLLPHMHNIVEYMLQRTQDQDENVALEACEFWLTLAEQPICKDVLVRHLPKLIPVLVNGMKYSDIDIILLKG
DVEEDETIPDSEQDIRPRFHRSRTVAQQHDEDGIEEEDDDDDEIDDDDTISDWNLRKCSAAALDVLANVYRDELLPHILP
LLKELLFHHEWVVKESGILVLGAIAEGCMQGMIPYLPELIPHLIQCLSDKKALVRSITCWTLSRYAHWVVSQPPDTYLKP
LMTELLKRILDSNKRVQEAACSAFATLEEEACTELVPYLAYILDTLVFAFSKYQHKNLLILYDAIGTLADSVGHHLNKPE
YIQMLMPPLIQKWNMLKDEDKDLFPLLECLSSVATALQSGFLPYCEPVYQRCVNLVQKTLAQAMLNNAQPDQYEAPDKDF
MIVALDLLSGLAEGLGGNIEQLVARSNILTLMYQCMQDKMPEVRQSSFALLGDLTKACFQHVKPCIADFMPILGTNLNPE
FISVCNNATWAIGEISIQMGIEMQPYIPMVLHQLVEIINRPNTPKTLLENTAITIGRLGYVCPQEVAPMLQQFIRPWCTS
LRNIRDNEEKDSAFRGICTMISVNPSGVIQDFIFFCDAVASWINPKDDLRDMFCKILHGFKNQVGDENWRRFSDQFPLPL
KERLAAFYGV
;
_entity_poly.pdbx_strand_id   A
#
# COMPACT_ATOMS: atom_id res chain seq x y z
N TRP A 5 -55.22 -1.41 9.32
CA TRP A 5 -55.52 -0.27 8.40
C TRP A 5 -56.66 -0.58 7.46
N LYS A 6 -56.29 -1.05 6.26
CA LYS A 6 -57.23 -1.28 5.18
C LYS A 6 -57.63 0.06 4.53
N PRO A 7 -58.55 0.04 3.52
CA PRO A 7 -58.95 1.17 2.66
C PRO A 7 -58.69 2.60 3.15
N ASP A 8 -59.74 3.26 3.66
CA ASP A 8 -59.76 4.71 3.88
C ASP A 8 -59.49 5.49 2.60
N GLU A 9 -60.55 6.10 2.08
CA GLU A 9 -60.55 6.76 0.77
C GLU A 9 -59.51 7.87 0.63
N GLN A 10 -59.71 8.94 1.40
CA GLN A 10 -58.92 10.18 1.29
C GLN A 10 -57.42 9.89 1.18
N GLY A 11 -56.90 9.09 2.11
CA GLY A 11 -55.49 8.73 2.13
C GLY A 11 -55.05 8.10 0.83
N LEU A 12 -55.75 7.03 0.43
CA LEU A 12 -55.41 6.26 -0.78
C LEU A 12 -55.27 7.16 -2.02
N GLN A 13 -56.20 8.11 -2.17
CA GLN A 13 -56.20 8.98 -3.34
C GLN A 13 -55.05 9.97 -3.27
N GLN A 14 -54.87 10.56 -2.09
CA GLN A 14 -53.77 11.48 -1.82
C GLN A 14 -52.44 10.79 -2.13
N ILE A 15 -52.34 9.54 -1.71
CA ILE A 15 -51.20 8.66 -2.03
C ILE A 15 -51.06 8.50 -3.54
N LEU A 16 -52.15 8.10 -4.19
CA LEU A 16 -52.14 7.86 -5.63
C LEU A 16 -51.70 9.08 -6.43
N GLN A 17 -52.22 10.25 -6.08
CA GLN A 17 -51.86 11.48 -6.79
C GLN A 17 -50.43 11.93 -6.50
N LEU A 18 -49.96 11.68 -5.28
CA LEU A 18 -48.55 11.92 -4.95
C LEU A 18 -47.67 11.06 -5.84
N LEU A 19 -48.06 9.79 -6.00
CA LEU A 19 -47.34 8.87 -6.87
C LEU A 19 -47.50 9.25 -8.33
N LYS A 20 -48.66 9.81 -8.69
CA LYS A 20 -48.89 10.30 -10.06
C LYS A 20 -48.14 11.60 -10.32
N GLU A 21 -48.12 12.49 -9.33
CA GLU A 21 -47.33 13.73 -9.41
C GLU A 21 -45.82 13.44 -9.44
N SER A 22 -45.48 12.17 -9.39
CA SER A 22 -44.09 11.77 -9.28
C SER A 22 -43.41 11.71 -10.64
N GLN A 23 -44.05 11.03 -11.59
CA GLN A 23 -43.43 10.75 -12.90
C GLN A 23 -43.37 11.94 -13.85
N SER A 24 -43.85 13.09 -13.38
CA SER A 24 -43.80 14.32 -14.18
C SER A 24 -42.35 14.62 -14.59
N PRO A 25 -42.14 14.91 -15.89
CA PRO A 25 -40.84 15.35 -16.41
C PRO A 25 -40.49 16.78 -16.00
N ASP A 26 -41.23 17.31 -15.03
CA ASP A 26 -41.01 18.66 -14.51
C ASP A 26 -39.98 18.63 -13.39
N THR A 27 -39.24 19.73 -13.22
CA THR A 27 -38.22 19.86 -12.18
C THR A 27 -38.78 20.51 -10.91
N THR A 28 -39.59 21.56 -11.07
CA THR A 28 -40.20 22.24 -9.93
C THR A 28 -41.36 21.45 -9.31
N ILE A 29 -41.97 20.56 -10.10
CA ILE A 29 -42.94 19.61 -9.55
C ILE A 29 -42.22 18.63 -8.61
N GLN A 30 -40.97 18.32 -8.94
CA GLN A 30 -40.15 17.40 -8.14
C GLN A 30 -39.89 17.92 -6.72
N ARG A 31 -39.43 19.16 -6.60
CA ARG A 31 -39.15 19.75 -5.29
C ARG A 31 -40.38 19.73 -4.36
N THR A 32 -41.55 19.61 -4.95
CA THR A 32 -42.80 19.48 -4.22
C THR A 32 -42.91 18.10 -3.56
N VAL A 33 -42.96 17.04 -4.37
CA VAL A 33 -43.05 15.66 -3.87
C VAL A 33 -41.91 15.24 -2.94
N GLN A 34 -40.90 16.11 -2.78
CA GLN A 34 -39.80 15.85 -1.85
C GLN A 34 -40.28 16.14 -0.45
N GLN A 35 -40.49 17.43 -0.18
CA GLN A 35 -40.98 17.87 1.12
C GLN A 35 -42.38 17.34 1.35
N LYS A 36 -43.21 17.31 0.31
CA LYS A 36 -44.59 16.85 0.43
C LYS A 36 -44.66 15.36 0.67
N LEU A 37 -43.50 14.73 0.78
CA LEU A 37 -43.41 13.33 1.16
C LEU A 37 -42.64 13.20 2.45
N GLU A 38 -41.50 13.87 2.54
CA GLU A 38 -40.68 13.89 3.76
C GLU A 38 -41.56 14.23 4.97
N GLN A 39 -42.63 14.97 4.71
CA GLN A 39 -43.62 15.31 5.73
C GLN A 39 -44.52 14.13 6.08
N LEU A 40 -44.96 13.39 5.05
CA LEU A 40 -45.75 12.17 5.26
C LEU A 40 -44.89 11.05 5.83
N ASN A 41 -43.58 11.14 5.58
CA ASN A 41 -42.61 10.17 6.06
C ASN A 41 -42.18 10.44 7.51
N GLN A 42 -43.17 10.77 8.34
CA GLN A 42 -43.01 11.09 9.76
C GLN A 42 -44.37 10.81 10.39
N TYR A 43 -45.26 10.34 9.53
CA TYR A 43 -46.67 10.15 9.81
C TYR A 43 -46.95 8.67 9.53
N PRO A 44 -46.72 7.80 10.53
CA PRO A 44 -46.57 6.33 10.48
C PRO A 44 -47.64 5.53 9.71
N ASP A 45 -48.80 6.13 9.46
CA ASP A 45 -49.86 5.49 8.68
C ASP A 45 -49.37 5.26 7.23
N PHE A 46 -48.22 5.85 6.93
CA PHE A 46 -47.64 5.97 5.59
C PHE A 46 -47.24 4.64 4.96
N ASN A 47 -46.19 4.04 5.51
CA ASN A 47 -45.57 2.86 4.92
C ASN A 47 -46.57 1.77 4.57
N ASN A 48 -47.53 1.53 5.46
CA ASN A 48 -48.56 0.53 5.20
C ASN A 48 -49.28 0.78 3.90
N TYR A 49 -49.65 2.04 3.66
CA TYR A 49 -50.30 2.43 2.41
C TYR A 49 -49.43 2.11 1.18
N LEU A 50 -48.11 2.11 1.37
CA LEU A 50 -47.17 1.74 0.31
C LEU A 50 -47.30 0.27 -0.10
N ILE A 51 -47.04 -0.63 0.84
CA ILE A 51 -47.12 -2.06 0.57
C ILE A 51 -48.49 -2.46 0.02
N PHE A 52 -49.51 -1.71 0.43
CA PHE A 52 -50.86 -1.95 -0.04
C PHE A 52 -50.94 -1.77 -1.55
N VAL A 53 -50.62 -0.56 -2.01
CA VAL A 53 -50.54 -0.22 -3.43
C VAL A 53 -49.61 -1.17 -4.17
N LEU A 54 -48.49 -1.49 -3.53
CA LEU A 54 -47.54 -2.46 -4.04
C LEU A 54 -48.19 -3.84 -4.21
N THR A 55 -48.86 -4.30 -3.16
CA THR A 55 -49.40 -5.64 -3.11
C THR A 55 -50.86 -5.65 -3.48
N LYS A 56 -51.72 -5.41 -2.50
CA LYS A 56 -53.17 -5.64 -2.63
C LYS A 56 -53.81 -4.94 -3.81
N LEU A 57 -53.50 -3.65 -3.97
CA LEU A 57 -54.09 -2.81 -5.02
C LEU A 57 -53.59 -3.17 -6.41
N LYS A 58 -54.32 -4.07 -7.08
CA LYS A 58 -53.96 -4.50 -8.43
C LYS A 58 -54.66 -3.70 -9.52
N SER A 59 -55.49 -2.74 -9.10
CA SER A 59 -56.19 -1.85 -10.02
C SER A 59 -55.24 -0.94 -10.79
N GLU A 60 -54.36 -0.26 -10.06
CA GLU A 60 -53.39 0.67 -10.65
C GLU A 60 -52.34 -0.06 -11.48
N ASP A 61 -51.78 0.65 -12.46
CA ASP A 61 -50.74 0.10 -13.32
C ASP A 61 -49.50 -0.25 -12.52
N GLU A 62 -48.59 -0.94 -13.20
CA GLU A 62 -47.47 -1.61 -12.55
C GLU A 62 -46.25 -0.74 -12.15
N PRO A 63 -45.79 0.16 -13.04
CA PRO A 63 -44.65 1.03 -12.67
C PRO A 63 -44.96 1.94 -11.48
N THR A 64 -46.22 2.31 -11.32
CA THR A 64 -46.68 3.00 -10.12
C THR A 64 -46.44 2.08 -8.93
N ARG A 65 -47.09 0.91 -8.97
CA ARG A 65 -47.00 -0.08 -7.92
C ARG A 65 -45.55 -0.40 -7.57
N SER A 66 -44.63 -0.13 -8.50
CA SER A 66 -43.22 -0.34 -8.24
C SER A 66 -42.67 0.80 -7.41
N LEU A 67 -42.96 2.03 -7.82
CA LEU A 67 -42.53 3.22 -7.09
C LEU A 67 -43.15 3.25 -5.70
N SER A 68 -44.33 2.65 -5.58
CA SER A 68 -44.96 2.40 -4.29
C SER A 68 -43.94 1.79 -3.33
N GLY A 69 -43.48 0.59 -3.65
CA GLY A 69 -42.52 -0.12 -2.81
C GLY A 69 -41.17 0.56 -2.68
N LEU A 70 -40.66 1.08 -3.80
CA LEU A 70 -39.39 1.80 -3.83
C LEU A 70 -39.26 2.76 -2.67
N ILE A 71 -40.23 3.68 -2.58
CA ILE A 71 -40.29 4.62 -1.47
C ILE A 71 -40.23 3.86 -0.15
N LEU A 72 -41.10 2.86 -0.01
CA LEU A 72 -41.11 2.04 1.20
C LEU A 72 -39.71 1.57 1.56
N LYS A 73 -39.06 0.86 0.64
CA LYS A 73 -37.68 0.41 0.85
C LYS A 73 -36.74 1.58 1.14
N ASN A 74 -37.08 2.74 0.62
CA ASN A 74 -36.31 3.94 0.91
C ASN A 74 -36.47 4.41 2.35
N ASN A 75 -37.66 4.22 2.90
CA ASN A 75 -37.94 4.56 4.29
C ASN A 75 -37.35 3.54 5.26
N VAL A 76 -37.35 2.28 4.82
CA VAL A 76 -36.84 1.17 5.60
C VAL A 76 -35.32 1.30 5.75
N LYS A 77 -34.69 1.90 4.74
CA LYS A 77 -33.27 2.18 4.79
C LYS A 77 -32.96 3.32 5.77
N ALA A 78 -33.97 4.15 6.05
CA ALA A 78 -33.74 5.37 6.79
C ALA A 78 -34.38 5.38 8.20
N HIS A 79 -35.69 5.17 8.27
CA HIS A 79 -36.45 5.45 9.48
C HIS A 79 -37.02 4.21 10.18
N PHE A 80 -36.44 3.04 9.92
CA PHE A 80 -37.03 1.76 10.34
C PHE A 80 -37.31 1.60 11.84
N GLN A 81 -36.36 2.02 12.67
CA GLN A 81 -36.51 1.97 14.12
C GLN A 81 -37.92 2.37 14.53
N ASN A 82 -38.46 3.35 13.82
CA ASN A 82 -39.80 3.88 14.08
C ASN A 82 -40.90 2.85 13.80
N PHE A 83 -41.04 2.48 12.52
CA PHE A 83 -41.96 1.43 12.05
C PHE A 83 -42.53 0.57 13.19
N PRO A 84 -43.73 0.90 13.72
CA PRO A 84 -44.32 0.06 14.76
C PRO A 84 -44.35 -1.41 14.35
N ASN A 85 -44.17 -2.31 15.32
CA ASN A 85 -44.21 -3.75 15.04
C ASN A 85 -45.37 -4.10 14.10
N GLY A 86 -46.57 -3.60 14.44
CA GLY A 86 -47.79 -3.82 13.65
C GLY A 86 -47.70 -3.45 12.18
N VAL A 87 -46.82 -2.51 11.84
CA VAL A 87 -46.54 -2.21 10.44
C VAL A 87 -45.62 -3.31 9.94
N THR A 88 -44.43 -3.37 10.52
CA THR A 88 -43.41 -4.33 10.16
C THR A 88 -44.01 -5.73 10.01
N ASP A 89 -44.78 -6.16 11.00
CA ASP A 89 -45.51 -7.44 10.93
C ASP A 89 -46.15 -7.63 9.56
N PHE A 90 -46.97 -6.66 9.16
CA PHE A 90 -47.72 -6.70 7.91
C PHE A 90 -46.83 -6.61 6.69
N ILE A 91 -45.88 -5.68 6.73
CA ILE A 91 -44.88 -5.53 5.68
C ILE A 91 -44.29 -6.91 5.32
N LYS A 92 -43.73 -7.56 6.33
CA LYS A 92 -43.15 -8.89 6.20
C LYS A 92 -44.08 -9.83 5.48
N SER A 93 -45.36 -9.83 5.89
CA SER A 93 -46.37 -10.74 5.34
C SER A 93 -46.58 -10.56 3.85
N GLU A 94 -46.97 -9.37 3.43
CA GLU A 94 -47.37 -9.15 2.05
C GLU A 94 -46.26 -9.42 1.04
N CYS A 95 -45.02 -9.39 1.52
CA CYS A 95 -43.87 -9.62 0.66
C CYS A 95 -43.61 -11.11 0.45
N LEU A 96 -43.83 -11.90 1.49
CA LEU A 96 -43.69 -13.34 1.39
C LEU A 96 -44.90 -13.89 0.67
N ASN A 97 -46.07 -13.31 0.95
CA ASN A 97 -47.29 -13.70 0.27
C ASN A 97 -47.32 -13.25 -1.19
N ASN A 98 -46.37 -12.39 -1.57
CA ASN A 98 -46.23 -11.95 -2.95
C ASN A 98 -44.80 -12.11 -3.46
N ILE A 99 -44.11 -13.12 -2.96
CA ILE A 99 -42.72 -13.36 -3.34
C ILE A 99 -42.53 -13.66 -4.83
N GLY A 100 -43.53 -14.28 -5.46
CA GLY A 100 -43.42 -14.60 -6.87
C GLY A 100 -44.57 -14.04 -7.67
N ASP A 101 -44.67 -12.72 -7.74
CA ASP A 101 -45.71 -12.10 -8.55
C ASP A 101 -45.35 -12.27 -10.01
N SER A 102 -46.31 -12.73 -10.80
CA SER A 102 -46.10 -13.03 -12.21
C SER A 102 -45.98 -11.76 -13.07
N SER A 103 -45.26 -10.77 -12.56
CA SER A 103 -44.98 -9.53 -13.28
C SER A 103 -43.66 -8.97 -12.82
N PRO A 104 -42.57 -9.34 -13.52
CA PRO A 104 -41.16 -9.15 -13.24
C PRO A 104 -40.82 -8.03 -12.29
N LEU A 105 -41.11 -6.80 -12.71
CA LEU A 105 -40.75 -5.62 -11.92
C LEU A 105 -41.29 -5.70 -10.49
N ILE A 106 -42.57 -6.03 -10.36
CA ILE A 106 -43.16 -6.23 -9.03
C ILE A 106 -42.35 -7.29 -8.26
N ARG A 107 -42.26 -8.50 -8.81
CA ARG A 107 -41.50 -9.58 -8.18
C ARG A 107 -40.16 -9.10 -7.66
N ALA A 108 -39.50 -8.27 -8.46
CA ALA A 108 -38.19 -7.74 -8.11
C ALA A 108 -38.23 -6.72 -6.97
N THR A 109 -39.17 -5.79 -7.01
CA THR A 109 -39.29 -4.79 -5.93
C THR A 109 -39.61 -5.48 -4.60
N VAL A 110 -40.61 -6.37 -4.62
CA VAL A 110 -41.05 -7.13 -3.45
C VAL A 110 -39.88 -7.88 -2.81
N GLY A 111 -39.06 -8.53 -3.63
CA GLY A 111 -37.85 -9.17 -3.14
C GLY A 111 -36.91 -8.14 -2.56
N ILE A 112 -36.79 -7.00 -3.26
CA ILE A 112 -35.93 -5.90 -2.82
C ILE A 112 -36.27 -5.51 -1.37
N LEU A 113 -37.56 -5.34 -1.09
CA LEU A 113 -38.01 -5.08 0.27
C LEU A 113 -37.49 -6.14 1.22
N ILE A 114 -37.77 -7.41 0.92
CA ILE A 114 -37.29 -8.52 1.77
C ILE A 114 -35.80 -8.43 2.02
N THR A 115 -35.02 -8.41 0.94
CA THR A 115 -33.59 -8.17 1.00
C THR A 115 -33.25 -7.09 2.03
N THR A 116 -34.04 -6.03 2.02
CA THR A 116 -33.75 -4.82 2.77
C THR A 116 -34.24 -4.87 4.22
N ILE A 117 -35.41 -5.43 4.45
CA ILE A 117 -35.89 -5.60 5.83
C ILE A 117 -34.97 -6.57 6.55
N ALA A 118 -34.52 -7.61 5.83
CA ALA A 118 -33.58 -8.56 6.39
C ALA A 118 -32.30 -7.85 6.81
N SER A 119 -31.70 -7.10 5.90
CA SER A 119 -30.39 -6.48 6.16
C SER A 119 -30.43 -5.35 7.19
N LYS A 120 -31.36 -4.42 7.04
CA LYS A 120 -31.49 -3.27 7.95
C LYS A 120 -32.14 -3.63 9.29
N GLY A 121 -33.20 -4.44 9.25
CA GLY A 121 -33.93 -4.83 10.46
C GLY A 121 -33.43 -6.11 11.08
N GLU A 122 -32.12 -6.23 11.22
CA GLU A 122 -31.44 -7.40 11.82
C GLU A 122 -31.82 -8.69 11.09
N LEU A 123 -31.44 -9.84 11.65
CA LEU A 123 -31.93 -11.10 11.11
C LEU A 123 -32.35 -12.04 12.26
N GLN A 124 -31.97 -11.67 13.47
CA GLN A 124 -32.48 -12.33 14.66
C GLN A 124 -33.94 -11.93 14.87
N ASN A 125 -34.39 -10.96 14.07
CA ASN A 125 -35.71 -10.37 14.22
C ASN A 125 -36.75 -10.87 13.20
N TRP A 126 -36.29 -11.45 12.10
CA TRP A 126 -37.20 -12.09 11.15
C TRP A 126 -36.95 -13.59 11.20
N PRO A 127 -37.53 -14.28 12.20
CA PRO A 127 -37.16 -15.67 12.45
C PRO A 127 -37.65 -16.57 11.31
N ASP A 128 -38.89 -16.36 10.89
CA ASP A 128 -39.53 -17.12 9.84
C ASP A 128 -38.84 -17.01 8.50
N LEU A 129 -38.14 -15.90 8.28
CA LEU A 129 -37.64 -15.55 6.96
C LEU A 129 -37.06 -16.71 6.16
N LEU A 130 -35.91 -17.22 6.60
CA LEU A 130 -35.25 -18.31 5.90
C LEU A 130 -36.14 -19.56 5.83
N PRO A 131 -36.57 -20.12 6.98
CA PRO A 131 -37.47 -21.27 7.04
C PRO A 131 -38.58 -21.22 6.02
N LYS A 132 -39.23 -20.07 5.90
CA LYS A 132 -40.20 -19.87 4.85
C LYS A 132 -39.48 -20.01 3.50
N LEU A 133 -38.62 -19.05 3.18
CA LEU A 133 -37.92 -19.02 1.90
C LEU A 133 -37.46 -20.40 1.41
N CYS A 134 -36.86 -21.17 2.29
CA CYS A 134 -36.45 -22.51 1.93
C CYS A 134 -37.64 -23.27 1.40
N SER A 135 -38.67 -23.43 2.23
CA SER A 135 -39.86 -24.21 1.85
C SER A 135 -40.45 -23.77 0.50
N LEU A 136 -40.06 -22.57 0.07
CA LEU A 136 -40.55 -21.99 -1.16
C LEU A 136 -39.70 -22.38 -2.37
N LEU A 137 -38.43 -22.67 -2.15
CA LEU A 137 -37.60 -23.27 -3.18
C LEU A 137 -38.31 -24.51 -3.66
N ASP A 138 -38.94 -25.21 -2.72
CA ASP A 138 -39.65 -26.43 -2.99
C ASP A 138 -41.06 -26.20 -3.56
N SER A 139 -41.30 -25.03 -4.14
CA SER A 139 -42.61 -24.76 -4.73
C SER A 139 -42.63 -25.18 -6.19
N GLU A 140 -43.82 -25.26 -6.75
CA GLU A 140 -44.01 -25.63 -8.13
C GLU A 140 -44.01 -24.43 -9.05
N ASP A 141 -44.81 -23.41 -8.70
CA ASP A 141 -44.87 -22.19 -9.48
C ASP A 141 -43.43 -21.69 -9.64
N TYR A 142 -43.00 -21.56 -10.89
CA TYR A 142 -41.63 -21.18 -11.18
C TYR A 142 -41.29 -19.82 -10.58
N ASN A 143 -42.09 -18.82 -10.94
CA ASN A 143 -41.90 -17.44 -10.45
C ASN A 143 -41.85 -17.31 -8.94
N THR A 144 -42.68 -18.08 -8.25
CA THR A 144 -42.67 -18.14 -6.78
C THR A 144 -41.54 -19.05 -6.26
N CYS A 145 -40.41 -19.03 -6.97
CA CYS A 145 -39.25 -19.78 -6.56
C CYS A 145 -38.03 -19.00 -7.00
N GLU A 146 -38.05 -18.55 -8.25
CA GLU A 146 -37.02 -17.64 -8.73
C GLU A 146 -36.93 -16.49 -7.74
N GLY A 147 -38.09 -16.01 -7.29
CA GLY A 147 -38.15 -15.00 -6.23
C GLY A 147 -37.60 -15.51 -4.91
N ALA A 148 -38.08 -16.68 -4.48
CA ALA A 148 -37.66 -17.36 -3.24
C ALA A 148 -36.15 -17.58 -3.15
N PHE A 149 -35.52 -17.77 -4.29
CA PHE A 149 -34.10 -18.01 -4.35
C PHE A 149 -33.36 -16.68 -4.39
N GLY A 150 -33.76 -15.83 -5.34
CA GLY A 150 -33.13 -14.54 -5.57
C GLY A 150 -32.84 -13.79 -4.29
N ALA A 151 -33.81 -13.86 -3.38
CA ALA A 151 -33.66 -13.35 -2.04
C ALA A 151 -32.52 -14.05 -1.33
N LEU A 152 -32.67 -15.35 -1.07
CA LEU A 152 -31.62 -16.11 -0.40
C LEU A 152 -30.25 -15.78 -0.98
N GLN A 153 -30.17 -15.75 -2.31
CA GLN A 153 -28.91 -15.44 -3.00
C GLN A 153 -28.30 -14.11 -2.59
N LYS A 154 -29.15 -13.16 -2.23
CA LYS A 154 -28.68 -11.87 -1.75
C LYS A 154 -28.35 -11.96 -0.27
N ILE A 155 -29.23 -12.64 0.49
CA ILE A 155 -29.08 -12.76 1.94
C ILE A 155 -27.74 -13.37 2.28
N CYS A 156 -27.32 -14.33 1.46
CA CYS A 156 -26.02 -14.96 1.64
C CYS A 156 -24.90 -13.98 1.39
N GLU A 157 -24.97 -13.24 0.28
CA GLU A 157 -23.98 -12.21 -0.02
C GLU A 157 -23.95 -11.14 1.06
N ASP A 158 -25.12 -10.86 1.64
CA ASP A 158 -25.26 -9.85 2.69
C ASP A 158 -24.91 -10.32 4.10
N SER A 159 -25.62 -11.35 4.59
CA SER A 159 -25.42 -11.81 5.95
C SER A 159 -24.62 -13.11 5.98
N ALA A 160 -23.56 -13.17 5.18
CA ALA A 160 -22.67 -14.32 5.09
C ALA A 160 -22.18 -14.76 6.47
N GLU A 161 -21.50 -13.84 7.15
CA GLU A 161 -20.86 -14.13 8.43
C GLU A 161 -21.85 -14.32 9.56
N ILE A 162 -23.10 -13.94 9.30
CA ILE A 162 -24.14 -14.09 10.30
C ILE A 162 -24.84 -15.45 10.13
N LEU A 163 -25.12 -15.83 8.88
CA LEU A 163 -25.75 -17.12 8.59
C LEU A 163 -24.96 -18.28 9.15
N ASP A 164 -23.64 -18.12 9.10
CA ASP A 164 -22.70 -19.13 9.53
C ASP A 164 -22.27 -18.87 10.97
N SER A 165 -23.26 -18.64 11.83
CA SER A 165 -23.02 -18.31 13.23
C SER A 165 -24.21 -18.61 14.12
N ASP A 166 -23.96 -18.55 15.44
CA ASP A 166 -24.97 -18.79 16.46
C ASP A 166 -25.90 -17.58 16.56
N VAL A 167 -27.01 -17.63 15.83
CA VAL A 167 -28.00 -16.55 15.90
C VAL A 167 -29.41 -17.11 15.79
N LEU A 168 -29.66 -17.89 14.72
CA LEU A 168 -30.94 -18.58 14.57
C LEU A 168 -30.77 -20.03 15.04
N ASP A 169 -30.13 -20.85 14.21
CA ASP A 169 -29.83 -22.23 14.57
C ASP A 169 -28.69 -22.75 13.71
N ARG A 170 -27.90 -21.82 13.19
CA ARG A 170 -27.00 -22.11 12.09
C ARG A 170 -27.81 -22.87 11.03
N PRO A 171 -28.76 -22.17 10.37
CA PRO A 171 -29.57 -22.71 9.28
C PRO A 171 -28.72 -23.18 8.11
N LEU A 172 -27.48 -22.73 8.11
CA LEU A 172 -26.49 -23.17 7.15
C LEU A 172 -26.35 -24.68 7.14
N ASN A 173 -26.70 -25.33 8.25
CA ASN A 173 -26.67 -26.78 8.33
C ASN A 173 -27.64 -27.42 7.37
N ILE A 174 -28.72 -26.71 7.08
CA ILE A 174 -29.80 -27.26 6.29
C ILE A 174 -29.86 -26.66 4.87
N MET A 175 -29.34 -25.47 4.71
CA MET A 175 -29.46 -24.75 3.46
C MET A 175 -28.46 -25.24 2.42
N ILE A 176 -27.21 -25.39 2.84
CA ILE A 176 -26.15 -25.88 1.96
C ILE A 176 -26.53 -27.18 1.23
N PRO A 177 -26.87 -28.25 1.97
CA PRO A 177 -27.12 -29.47 1.21
C PRO A 177 -28.37 -29.31 0.35
N LYS A 178 -29.25 -28.40 0.76
CA LYS A 178 -30.46 -28.07 0.02
C LYS A 178 -30.09 -27.36 -1.27
N PHE A 179 -29.14 -26.44 -1.16
CA PHE A 179 -28.63 -25.72 -2.33
C PHE A 179 -27.96 -26.65 -3.32
N LEU A 180 -27.19 -27.60 -2.80
CA LEU A 180 -26.54 -28.62 -3.62
C LEU A 180 -27.58 -29.43 -4.36
N GLN A 181 -28.56 -29.95 -3.63
CA GLN A 181 -29.67 -30.70 -4.23
C GLN A 181 -30.36 -29.93 -5.35
N PHE A 182 -30.11 -28.62 -5.41
CA PHE A 182 -30.74 -27.76 -6.41
C PHE A 182 -29.84 -27.42 -7.60
N PHE A 183 -28.70 -28.09 -7.71
CA PHE A 183 -27.83 -27.94 -8.89
C PHE A 183 -28.43 -28.70 -10.05
N LYS A 184 -29.22 -29.73 -9.72
CA LYS A 184 -29.78 -30.63 -10.71
C LYS A 184 -31.13 -30.16 -11.24
N HIS A 185 -31.44 -28.88 -11.01
CA HIS A 185 -32.67 -28.26 -11.49
C HIS A 185 -32.57 -27.97 -12.99
N SER A 186 -33.70 -27.77 -13.64
CA SER A 186 -33.72 -27.45 -15.06
C SER A 186 -33.35 -25.99 -15.33
N SER A 187 -34.34 -25.10 -15.41
CA SER A 187 -34.12 -23.71 -15.79
C SER A 187 -32.89 -23.10 -15.15
N PRO A 188 -31.95 -22.59 -15.98
CA PRO A 188 -30.61 -22.14 -15.61
C PRO A 188 -30.56 -21.09 -14.50
N LYS A 189 -31.47 -20.12 -14.54
CA LYS A 189 -31.49 -19.06 -13.54
C LYS A 189 -31.46 -19.63 -12.13
N ILE A 190 -32.19 -20.72 -11.93
CA ILE A 190 -32.27 -21.37 -10.61
C ILE A 190 -30.99 -22.10 -10.24
N ARG A 191 -30.35 -22.75 -11.21
CA ARG A 191 -29.08 -23.38 -10.92
C ARG A 191 -28.02 -22.35 -10.61
N SER A 192 -27.98 -21.29 -11.43
CA SER A 192 -27.00 -20.22 -11.27
C SER A 192 -27.11 -19.62 -9.88
N HIS A 193 -28.35 -19.42 -9.43
CA HIS A 193 -28.64 -19.03 -8.05
C HIS A 193 -28.14 -20.08 -7.06
N ALA A 194 -28.32 -21.34 -7.43
CA ALA A 194 -28.07 -22.45 -6.53
C ALA A 194 -26.62 -22.39 -6.12
N VAL A 195 -25.74 -22.30 -7.11
CA VAL A 195 -24.31 -22.25 -6.83
C VAL A 195 -23.97 -20.90 -6.18
N ALA A 196 -24.49 -19.82 -6.76
CA ALA A 196 -24.19 -18.47 -6.28
C ALA A 196 -24.14 -18.44 -4.77
N CYS A 197 -25.21 -18.91 -4.14
CA CYS A 197 -25.30 -18.97 -2.69
C CYS A 197 -24.15 -19.77 -2.10
N VAL A 198 -24.03 -21.03 -2.50
CA VAL A 198 -22.96 -21.90 -2.00
C VAL A 198 -21.64 -21.14 -1.90
N ASN A 199 -21.33 -20.40 -2.97
CA ASN A 199 -20.05 -19.71 -3.13
C ASN A 199 -19.63 -18.81 -1.96
N GLN A 200 -20.60 -18.10 -1.39
CA GLN A 200 -20.37 -17.21 -0.23
C GLN A 200 -19.58 -17.85 0.89
N PHE A 201 -19.59 -19.16 0.93
CA PHE A 201 -19.14 -19.88 2.08
C PHE A 201 -17.85 -20.65 1.84
N ILE A 202 -17.48 -20.80 0.57
CA ILE A 202 -16.26 -21.52 0.18
C ILE A 202 -15.01 -20.86 0.77
N ILE A 203 -14.95 -19.54 0.68
CA ILE A 203 -13.87 -18.75 1.30
C ILE A 203 -13.97 -18.88 2.81
N SER A 204 -15.19 -18.74 3.32
CA SER A 204 -15.51 -18.72 4.74
C SER A 204 -15.32 -20.08 5.42
N ARG A 205 -14.79 -21.06 4.69
CA ARG A 205 -14.50 -22.40 5.23
C ARG A 205 -15.54 -22.87 6.26
N THR A 206 -16.80 -22.88 5.86
CA THR A 206 -17.88 -23.24 6.77
C THR A 206 -17.98 -24.77 6.88
N GLN A 207 -18.11 -25.27 8.10
CA GLN A 207 -18.26 -26.70 8.32
C GLN A 207 -19.55 -27.27 7.71
N ALA A 208 -20.56 -26.43 7.59
CA ALA A 208 -21.84 -26.80 6.96
C ALA A 208 -21.69 -27.14 5.47
N LEU A 209 -20.59 -26.69 4.88
CA LEU A 209 -20.28 -26.93 3.48
C LEU A 209 -19.22 -28.02 3.30
N MET A 210 -18.11 -27.89 4.01
CA MET A 210 -17.01 -28.85 3.91
C MET A 210 -17.54 -30.27 4.04
N LEU A 211 -18.59 -30.45 4.84
CA LEU A 211 -19.22 -31.77 5.06
C LEU A 211 -19.68 -32.43 3.76
N HIS A 212 -19.72 -31.66 2.68
CA HIS A 212 -20.16 -32.16 1.39
C HIS A 212 -19.17 -31.78 0.29
N ILE A 213 -17.99 -31.34 0.69
CA ILE A 213 -16.91 -31.03 -0.25
C ILE A 213 -16.90 -31.98 -1.45
N ASP A 214 -16.73 -33.28 -1.18
CA ASP A 214 -16.76 -34.35 -2.18
C ASP A 214 -17.94 -34.20 -3.12
N SER A 215 -19.13 -34.14 -2.52
CA SER A 215 -20.39 -34.02 -3.23
C SER A 215 -20.48 -32.67 -3.96
N PHE A 216 -19.90 -31.64 -3.36
CA PHE A 216 -19.93 -30.30 -3.94
C PHE A 216 -19.23 -30.29 -5.30
N ILE A 217 -17.92 -30.53 -5.30
CA ILE A 217 -17.14 -30.59 -6.54
C ILE A 217 -17.83 -31.52 -7.53
N GLU A 218 -18.29 -32.65 -7.02
CA GLU A 218 -18.99 -33.64 -7.82
C GLU A 218 -20.10 -32.94 -8.61
N ASN A 219 -21.02 -32.30 -7.89
CA ASN A 219 -22.11 -31.58 -8.53
C ASN A 219 -21.62 -30.41 -9.36
N LEU A 220 -20.51 -29.83 -8.94
CA LEU A 220 -19.95 -28.65 -9.57
C LEU A 220 -19.29 -29.02 -10.90
N PHE A 221 -18.22 -29.80 -10.84
CA PHE A 221 -17.45 -30.15 -12.04
C PHE A 221 -18.24 -31.04 -12.99
N ALA A 222 -18.97 -32.02 -12.46
CA ALA A 222 -19.82 -32.86 -13.30
C ALA A 222 -20.78 -31.96 -14.10
N LEU A 223 -21.28 -30.92 -13.45
CA LEU A 223 -22.13 -29.93 -14.10
C LEU A 223 -21.41 -29.25 -15.27
N ALA A 224 -20.19 -28.78 -15.02
CA ALA A 224 -19.43 -27.93 -15.96
C ALA A 224 -19.83 -28.14 -17.41
N GLY A 225 -20.32 -27.06 -18.03
CA GLY A 225 -20.87 -27.12 -19.36
C GLY A 225 -22.04 -26.18 -19.39
N ASP A 226 -23.24 -26.74 -19.30
CA ASP A 226 -24.46 -25.96 -19.06
C ASP A 226 -24.53 -24.68 -19.92
N GLU A 227 -24.84 -24.85 -21.20
CA GLU A 227 -24.92 -23.78 -22.21
C GLU A 227 -25.01 -22.34 -21.69
N GLU A 228 -25.85 -22.11 -20.69
CA GLU A 228 -26.14 -20.77 -20.17
C GLU A 228 -25.00 -20.15 -19.37
N PRO A 229 -24.46 -19.00 -19.84
CA PRO A 229 -23.28 -18.34 -19.30
C PRO A 229 -23.47 -17.81 -17.88
N GLU A 230 -24.72 -17.66 -17.46
CA GLU A 230 -25.02 -17.29 -16.07
C GLU A 230 -24.51 -18.34 -15.08
N VAL A 231 -24.75 -19.62 -15.42
CA VAL A 231 -24.28 -20.74 -14.62
C VAL A 231 -22.76 -20.85 -14.71
N ARG A 232 -22.23 -20.89 -15.93
CA ARG A 232 -20.78 -20.98 -16.18
C ARG A 232 -20.03 -19.94 -15.36
N LYS A 233 -20.56 -18.72 -15.35
CA LYS A 233 -20.02 -17.63 -14.56
C LYS A 233 -19.67 -18.08 -13.15
N ASN A 234 -20.67 -18.60 -12.43
CA ASN A 234 -20.55 -18.93 -11.01
C ASN A 234 -19.76 -20.20 -10.73
N VAL A 235 -19.76 -21.13 -11.69
CA VAL A 235 -18.93 -22.33 -11.61
C VAL A 235 -17.50 -21.88 -11.62
N CYS A 236 -17.17 -21.09 -12.64
CA CYS A 236 -15.86 -20.52 -12.83
C CYS A 236 -15.46 -19.83 -11.54
N ARG A 237 -16.37 -19.01 -11.02
CA ARG A 237 -16.16 -18.25 -9.81
C ARG A 237 -15.95 -19.16 -8.60
N ALA A 238 -16.67 -20.28 -8.58
CA ALA A 238 -16.53 -21.26 -7.50
C ALA A 238 -15.12 -21.81 -7.52
N LEU A 239 -14.70 -22.33 -8.67
CA LEU A 239 -13.37 -22.93 -8.82
C LEU A 239 -12.25 -21.99 -8.38
N VAL A 240 -12.39 -20.71 -8.70
CA VAL A 240 -11.39 -19.71 -8.33
C VAL A 240 -11.16 -19.70 -6.81
N MET A 241 -12.25 -19.55 -6.05
CA MET A 241 -12.18 -19.55 -4.60
C MET A 241 -11.84 -20.93 -4.05
N LEU A 242 -12.38 -21.95 -4.70
CA LEU A 242 -12.20 -23.33 -4.32
C LEU A 242 -10.73 -23.71 -4.43
N LEU A 243 -10.07 -23.10 -5.41
CA LEU A 243 -8.63 -23.25 -5.63
C LEU A 243 -7.85 -22.77 -4.39
N GLU A 244 -8.37 -21.74 -3.72
CA GLU A 244 -7.72 -21.20 -2.53
C GLU A 244 -7.86 -22.13 -1.33
N VAL A 245 -9.09 -22.43 -0.94
CA VAL A 245 -9.38 -23.17 0.29
C VAL A 245 -9.08 -24.66 0.16
N ARG A 246 -9.71 -25.33 -0.81
CA ARG A 246 -9.55 -26.76 -0.95
C ARG A 246 -8.74 -27.17 -2.17
N MET A 247 -7.53 -26.61 -2.26
CA MET A 247 -6.57 -26.98 -3.30
C MET A 247 -6.46 -28.50 -3.32
N ASP A 248 -6.42 -29.06 -2.12
CA ASP A 248 -6.33 -30.49 -1.88
C ASP A 248 -7.59 -31.26 -2.31
N ARG A 249 -8.12 -30.90 -3.48
CA ARG A 249 -9.25 -31.59 -4.08
C ARG A 249 -9.18 -31.52 -5.59
N LEU A 250 -8.70 -30.40 -6.09
CA LEU A 250 -8.69 -30.11 -7.51
C LEU A 250 -7.57 -30.84 -8.24
N LEU A 251 -6.42 -30.97 -7.57
CA LEU A 251 -5.26 -31.65 -8.13
C LEU A 251 -5.61 -32.91 -8.93
N PRO A 252 -6.35 -33.87 -8.31
CA PRO A 252 -6.76 -35.06 -9.04
C PRO A 252 -7.23 -34.77 -10.47
N HIS A 253 -8.04 -33.72 -10.63
CA HIS A 253 -8.60 -33.37 -11.93
C HIS A 253 -8.06 -32.04 -12.43
N MET A 254 -6.82 -31.72 -12.04
CA MET A 254 -6.18 -30.44 -12.32
C MET A 254 -6.01 -30.14 -13.81
N HIS A 255 -5.59 -31.17 -14.56
CA HIS A 255 -5.26 -30.99 -15.96
C HIS A 255 -6.46 -30.73 -16.88
N ASN A 256 -7.61 -31.30 -16.52
CA ASN A 256 -8.86 -31.02 -17.22
C ASN A 256 -9.36 -29.63 -16.88
N ILE A 257 -9.20 -29.25 -15.62
CA ILE A 257 -9.58 -27.92 -15.16
C ILE A 257 -8.85 -26.85 -15.97
N VAL A 258 -7.53 -26.96 -16.03
CA VAL A 258 -6.73 -25.94 -16.72
C VAL A 258 -7.05 -25.83 -18.21
N GLU A 259 -7.34 -26.97 -18.84
CA GLU A 259 -7.71 -26.99 -20.25
C GLU A 259 -9.08 -26.38 -20.46
N TYR A 260 -10.00 -26.73 -19.56
CA TYR A 260 -11.32 -26.10 -19.47
C TYR A 260 -11.16 -24.59 -19.28
N MET A 261 -10.31 -24.21 -18.33
CA MET A 261 -10.18 -22.81 -17.93
C MET A 261 -9.83 -21.86 -19.06
N LEU A 262 -9.21 -22.37 -20.11
CA LEU A 262 -8.85 -21.56 -21.27
C LEU A 262 -10.06 -21.26 -22.14
N GLN A 263 -10.96 -22.24 -22.26
CA GLN A 263 -12.20 -22.09 -23.00
C GLN A 263 -13.13 -21.08 -22.34
N ARG A 264 -13.23 -21.17 -21.01
CA ARG A 264 -13.99 -20.21 -20.22
C ARG A 264 -13.26 -18.88 -20.10
N THR A 265 -11.94 -18.92 -20.18
CA THR A 265 -11.12 -17.72 -20.29
C THR A 265 -11.30 -17.04 -21.65
N GLN A 266 -11.91 -17.77 -22.58
CA GLN A 266 -12.27 -17.22 -23.87
C GLN A 266 -13.77 -17.30 -24.12
N ASP A 267 -14.54 -17.57 -23.07
CA ASP A 267 -15.98 -17.62 -23.18
C ASP A 267 -16.48 -16.27 -23.68
N GLN A 268 -17.12 -16.29 -24.86
CA GLN A 268 -17.62 -15.09 -25.54
C GLN A 268 -18.36 -14.10 -24.62
N ASP A 269 -18.96 -14.63 -23.56
CA ASP A 269 -19.52 -13.82 -22.48
C ASP A 269 -18.38 -13.18 -21.69
N GLU A 270 -18.15 -11.88 -21.97
CA GLU A 270 -17.09 -11.11 -21.33
C GLU A 270 -17.06 -11.32 -19.81
N ASN A 271 -18.24 -11.34 -19.21
CA ASN A 271 -18.44 -11.47 -17.77
C ASN A 271 -18.02 -12.83 -17.19
N VAL A 272 -17.93 -13.84 -18.06
CA VAL A 272 -17.40 -15.16 -17.66
C VAL A 272 -15.88 -15.17 -17.75
N ALA A 273 -15.34 -14.75 -18.89
CA ALA A 273 -13.91 -14.62 -19.06
C ALA A 273 -13.34 -13.70 -17.99
N LEU A 274 -14.13 -12.68 -17.66
CA LEU A 274 -13.83 -11.71 -16.60
C LEU A 274 -13.34 -12.42 -15.35
N GLU A 275 -14.05 -13.49 -14.98
CA GLU A 275 -13.75 -14.27 -13.79
C GLU A 275 -12.67 -15.30 -14.06
N ALA A 276 -12.82 -16.06 -15.14
CA ALA A 276 -11.84 -17.09 -15.52
C ALA A 276 -10.43 -16.53 -15.50
N CYS A 277 -10.31 -15.27 -15.93
CA CYS A 277 -9.06 -14.51 -15.84
C CYS A 277 -8.42 -14.69 -14.46
N GLU A 278 -9.17 -14.35 -13.42
CA GLU A 278 -8.66 -14.37 -12.05
C GLU A 278 -8.34 -15.76 -11.55
N PHE A 279 -8.57 -16.77 -12.39
CA PHE A 279 -8.18 -18.13 -12.06
C PHE A 279 -6.67 -18.26 -12.02
N TRP A 280 -6.03 -18.06 -13.17
CA TRP A 280 -4.58 -18.19 -13.30
C TRP A 280 -3.88 -17.28 -12.31
N LEU A 281 -4.45 -16.09 -12.14
CA LEU A 281 -3.95 -15.11 -11.19
C LEU A 281 -3.89 -15.73 -9.80
N THR A 282 -4.94 -16.45 -9.42
CA THR A 282 -5.02 -17.09 -8.11
C THR A 282 -4.23 -18.39 -8.07
N LEU A 283 -4.10 -19.04 -9.22
CA LEU A 283 -3.26 -20.24 -9.32
C LEU A 283 -1.82 -19.85 -9.01
N ALA A 284 -1.30 -18.88 -9.76
CA ALA A 284 0.06 -18.40 -9.61
C ALA A 284 0.35 -17.87 -8.20
N GLU A 285 -0.70 -17.61 -7.43
CA GLU A 285 -0.57 -17.12 -6.06
C GLU A 285 0.18 -18.09 -5.15
N GLN A 286 -0.28 -19.34 -5.12
CA GLN A 286 0.45 -20.41 -4.44
C GLN A 286 1.46 -20.99 -5.43
N PRO A 287 2.77 -20.85 -5.13
CA PRO A 287 3.75 -21.32 -6.10
C PRO A 287 3.96 -22.83 -5.95
N ILE A 288 2.86 -23.54 -5.68
CA ILE A 288 2.91 -24.96 -5.27
C ILE A 288 3.18 -25.96 -6.41
N CYS A 289 3.59 -25.46 -7.58
CA CYS A 289 3.85 -26.30 -8.77
C CYS A 289 4.05 -25.47 -10.03
N LYS A 290 5.27 -24.98 -10.26
CA LYS A 290 5.55 -24.15 -11.42
C LYS A 290 5.53 -24.94 -12.74
N ASP A 291 5.76 -26.25 -12.62
CA ASP A 291 5.88 -27.14 -13.78
C ASP A 291 4.57 -27.34 -14.56
N VAL A 292 3.47 -27.54 -13.82
CA VAL A 292 2.16 -27.88 -14.37
C VAL A 292 1.69 -26.95 -15.51
N LEU A 293 1.96 -25.66 -15.36
CA LEU A 293 1.46 -24.62 -16.27
C LEU A 293 2.10 -24.64 -17.65
N VAL A 294 3.38 -24.99 -17.71
CA VAL A 294 4.16 -24.96 -18.96
C VAL A 294 3.42 -25.67 -20.09
N ARG A 295 2.94 -26.89 -19.80
CA ARG A 295 2.17 -27.72 -20.74
C ARG A 295 1.44 -26.93 -21.84
N HIS A 296 0.66 -25.94 -21.42
CA HIS A 296 -0.23 -25.18 -22.29
C HIS A 296 0.02 -23.68 -22.14
N LEU A 297 1.25 -23.33 -21.76
CA LEU A 297 1.65 -21.94 -21.61
C LEU A 297 1.78 -21.20 -22.94
N PRO A 298 2.16 -21.91 -24.04
CA PRO A 298 2.19 -21.20 -25.32
C PRO A 298 0.80 -20.88 -25.84
N LYS A 299 -0.21 -21.53 -25.25
CA LYS A 299 -1.60 -21.38 -25.65
C LYS A 299 -2.28 -20.23 -24.91
N LEU A 300 -1.98 -20.08 -23.63
CA LEU A 300 -2.63 -19.09 -22.76
C LEU A 300 -2.16 -17.66 -23.04
N ILE A 301 -0.84 -17.47 -23.08
CA ILE A 301 -0.24 -16.15 -23.24
C ILE A 301 -0.88 -15.30 -24.35
N PRO A 302 -0.99 -15.86 -25.59
CA PRO A 302 -1.56 -15.03 -26.66
C PRO A 302 -2.97 -14.57 -26.34
N VAL A 303 -3.78 -15.50 -25.86
CA VAL A 303 -5.13 -15.20 -25.40
C VAL A 303 -5.05 -14.05 -24.41
N LEU A 304 -4.34 -14.29 -23.32
CA LEU A 304 -4.16 -13.33 -22.23
C LEU A 304 -3.78 -11.94 -22.75
N VAL A 305 -2.93 -11.89 -23.77
CA VAL A 305 -2.44 -10.63 -24.34
C VAL A 305 -3.54 -9.86 -25.06
N ASN A 306 -4.43 -10.59 -25.75
CA ASN A 306 -5.56 -9.98 -26.43
C ASN A 306 -6.53 -9.32 -25.43
N GLY A 307 -6.51 -9.82 -24.20
CA GLY A 307 -7.33 -9.28 -23.11
C GLY A 307 -7.00 -7.84 -22.78
N MET A 308 -5.72 -7.49 -22.87
CA MET A 308 -5.24 -6.12 -22.67
C MET A 308 -5.91 -5.14 -23.61
N LYS A 309 -5.97 -5.51 -24.90
CA LYS A 309 -6.54 -4.69 -25.97
C LYS A 309 -7.81 -3.98 -25.51
N TYR A 310 -7.77 -2.64 -25.48
CA TYR A 310 -8.89 -1.83 -25.01
C TYR A 310 -10.19 -2.20 -25.70
N SER A 311 -11.16 -2.67 -24.93
CA SER A 311 -12.49 -2.90 -25.44
C SER A 311 -12.99 -1.65 -26.16
N ASP A 312 -13.56 -1.82 -27.35
CA ASP A 312 -14.05 -0.71 -28.16
C ASP A 312 -15.01 0.17 -27.36
N ILE A 313 -15.46 -0.35 -26.23
CA ILE A 313 -16.48 0.29 -25.41
C ILE A 313 -15.86 1.14 -24.27
N ASP A 314 -14.55 1.02 -24.08
CA ASP A 314 -13.84 1.79 -23.05
C ASP A 314 -13.43 3.18 -23.53
N ILE A 315 -13.28 3.34 -24.85
CA ILE A 315 -12.91 4.61 -25.47
C ILE A 315 -13.98 5.68 -25.25
N ILE A 316 -14.92 5.38 -24.34
CA ILE A 316 -16.05 6.25 -24.01
C ILE A 316 -15.94 6.72 -22.55
N LEU A 317 -15.60 5.80 -21.65
CA LEU A 317 -15.33 6.13 -20.25
C LEU A 317 -14.17 7.11 -20.10
N LEU A 318 -13.03 6.78 -20.74
CA LEU A 318 -11.80 7.55 -20.58
C LEU A 318 -11.53 8.59 -21.68
N LYS A 319 -12.10 8.38 -22.86
CA LYS A 319 -11.91 9.31 -23.99
C LYS A 319 -13.23 9.98 -24.38
N SER A 371 -11.68 2.30 -14.72
CA SER A 371 -12.98 2.32 -14.07
C SER A 371 -12.91 1.56 -12.74
N ASP A 372 -13.07 0.23 -12.79
CA ASP A 372 -12.93 -0.60 -11.60
C ASP A 372 -11.96 -1.75 -11.86
N TRP A 373 -12.43 -2.77 -12.56
CA TRP A 373 -11.72 -4.01 -12.74
C TRP A 373 -12.36 -4.70 -13.92
N ASN A 374 -11.71 -4.62 -15.08
CA ASN A 374 -12.19 -5.31 -16.27
C ASN A 374 -11.24 -6.44 -16.65
N LEU A 375 -11.58 -7.18 -17.70
CA LEU A 375 -10.73 -8.26 -18.16
C LEU A 375 -9.31 -7.77 -18.36
N ARG A 376 -9.18 -6.68 -19.11
CA ARG A 376 -7.88 -6.04 -19.35
C ARG A 376 -7.10 -5.82 -18.06
N LYS A 377 -7.73 -5.15 -17.10
CA LYS A 377 -7.10 -4.78 -15.83
C LYS A 377 -6.74 -6.01 -15.02
N CYS A 378 -7.45 -7.09 -15.30
CA CYS A 378 -7.16 -8.38 -14.68
C CYS A 378 -6.03 -9.08 -15.45
N SER A 379 -6.21 -9.20 -16.76
CA SER A 379 -5.24 -9.86 -17.65
C SER A 379 -3.82 -9.36 -17.41
N ALA A 380 -3.63 -8.04 -17.50
CA ALA A 380 -2.34 -7.40 -17.28
C ALA A 380 -1.77 -7.73 -15.90
N ALA A 381 -2.64 -7.70 -14.89
CA ALA A 381 -2.26 -8.01 -13.52
C ALA A 381 -1.85 -9.47 -13.35
N ALA A 382 -2.44 -10.34 -14.16
CA ALA A 382 -2.12 -11.76 -14.15
C ALA A 382 -0.81 -12.06 -14.87
N LEU A 383 -0.56 -11.33 -15.97
CA LEU A 383 0.66 -11.53 -16.74
C LEU A 383 1.89 -11.20 -15.92
N ASP A 384 1.81 -10.12 -15.16
CA ASP A 384 2.90 -9.70 -14.30
C ASP A 384 3.39 -10.87 -13.46
N VAL A 385 2.47 -11.47 -12.69
CA VAL A 385 2.78 -12.56 -11.76
C VAL A 385 3.37 -13.78 -12.45
N LEU A 386 2.93 -14.01 -13.68
CA LEU A 386 3.46 -15.12 -14.47
C LEU A 386 4.90 -14.88 -14.90
N ALA A 387 5.25 -13.60 -15.07
CA ALA A 387 6.62 -13.24 -15.43
C ALA A 387 7.61 -13.54 -14.31
N ASN A 388 7.15 -13.50 -13.06
CA ASN A 388 8.03 -13.68 -11.91
C ASN A 388 8.37 -15.12 -11.62
N VAL A 389 7.39 -16.01 -11.80
CA VAL A 389 7.57 -17.43 -11.53
C VAL A 389 8.50 -18.03 -12.59
N TYR A 390 8.35 -17.57 -13.82
CA TYR A 390 8.95 -18.20 -14.97
C TYR A 390 10.21 -17.50 -15.46
N ARG A 391 10.38 -16.25 -15.02
CA ARG A 391 11.53 -15.42 -15.39
C ARG A 391 11.53 -15.12 -16.89
N ASP A 392 12.73 -15.12 -17.49
CA ASP A 392 12.91 -14.86 -18.90
C ASP A 392 12.44 -16.02 -19.77
N GLU A 393 12.16 -17.16 -19.13
CA GLU A 393 11.66 -18.36 -19.82
C GLU A 393 10.24 -18.13 -20.34
N LEU A 394 9.61 -17.08 -19.83
CA LEU A 394 8.29 -16.66 -20.29
C LEU A 394 8.38 -16.00 -21.67
N LEU A 395 9.50 -15.32 -21.92
CA LEU A 395 9.71 -14.54 -23.16
C LEU A 395 9.44 -15.28 -24.48
N PRO A 396 10.01 -16.50 -24.66
CA PRO A 396 9.83 -17.27 -25.89
C PRO A 396 8.44 -17.18 -26.53
N HIS A 397 7.38 -17.24 -25.72
CA HIS A 397 6.00 -17.21 -26.22
C HIS A 397 5.46 -15.79 -26.38
N ILE A 398 6.26 -14.79 -26.02
CA ILE A 398 5.80 -13.40 -25.92
C ILE A 398 6.37 -12.49 -27.01
N LEU A 399 7.68 -12.60 -27.22
CA LEU A 399 8.39 -11.78 -28.21
C LEU A 399 7.74 -11.81 -29.60
N PRO A 400 7.41 -13.01 -30.14
CA PRO A 400 6.82 -13.07 -31.47
C PRO A 400 5.55 -12.22 -31.59
N LEU A 401 4.70 -12.34 -30.56
CA LEU A 401 3.42 -11.63 -30.49
C LEU A 401 3.64 -10.14 -30.41
N LEU A 402 4.47 -9.71 -29.47
CA LEU A 402 4.87 -8.32 -29.30
C LEU A 402 5.12 -7.69 -30.65
N LYS A 403 6.07 -8.26 -31.39
CA LYS A 403 6.46 -7.79 -32.71
C LYS A 403 5.26 -7.36 -33.56
N GLU A 404 4.22 -8.18 -33.58
CA GLU A 404 3.01 -7.89 -34.37
C GLU A 404 2.26 -6.64 -33.92
N LEU A 405 2.17 -6.43 -32.61
CA LEU A 405 1.57 -5.21 -32.03
C LEU A 405 2.57 -4.06 -32.13
N LEU A 406 2.62 -3.20 -31.11
CA LEU A 406 3.65 -2.16 -30.96
C LEU A 406 3.75 -1.11 -32.07
N PHE A 407 3.30 -1.46 -33.27
CA PHE A 407 3.39 -0.61 -34.45
C PHE A 407 2.08 -0.51 -35.20
N HIS A 408 1.25 -1.55 -35.06
CA HIS A 408 -0.02 -1.73 -35.78
C HIS A 408 -0.85 -0.45 -35.92
N HIS A 409 -1.44 -0.24 -37.11
CA HIS A 409 -2.24 0.97 -37.45
C HIS A 409 -3.10 1.52 -36.33
N GLU A 410 -3.39 0.67 -35.34
CA GLU A 410 -4.38 0.96 -34.32
C GLU A 410 -3.80 1.75 -33.15
N TRP A 411 -4.45 2.87 -32.87
CA TRP A 411 -4.24 3.62 -31.64
C TRP A 411 -4.85 2.85 -30.47
N VAL A 412 -4.80 1.52 -30.58
CA VAL A 412 -5.42 0.61 -29.63
C VAL A 412 -4.52 -0.60 -29.46
N VAL A 413 -4.32 -1.35 -30.55
CA VAL A 413 -3.52 -2.58 -30.51
C VAL A 413 -2.07 -2.27 -30.19
N LYS A 414 -1.54 -1.20 -30.77
CA LYS A 414 -0.20 -0.74 -30.42
C LYS A 414 -0.15 -0.51 -28.91
N GLU A 415 -1.09 0.29 -28.41
CA GLU A 415 -1.19 0.60 -26.99
C GLU A 415 -1.06 -0.65 -26.12
N SER A 416 -1.79 -1.71 -26.50
CA SER A 416 -1.77 -2.97 -25.76
C SER A 416 -0.37 -3.55 -25.69
N GLY A 417 0.32 -3.56 -26.83
CA GLY A 417 1.71 -4.03 -26.89
C GLY A 417 2.56 -3.33 -25.87
N ILE A 418 2.36 -2.00 -25.77
CA ILE A 418 3.04 -1.16 -24.79
C ILE A 418 2.73 -1.65 -23.39
N LEU A 419 1.46 -1.91 -23.12
CA LEU A 419 1.02 -2.38 -21.81
C LEU A 419 1.69 -3.70 -21.42
N VAL A 420 1.87 -4.58 -22.41
CA VAL A 420 2.55 -5.85 -22.16
C VAL A 420 3.99 -5.58 -21.78
N LEU A 421 4.62 -4.69 -22.53
CA LEU A 421 6.00 -4.30 -22.31
C LEU A 421 6.25 -3.90 -20.87
N GLY A 422 5.26 -3.23 -20.28
CA GLY A 422 5.34 -2.82 -18.89
C GLY A 422 5.01 -3.93 -17.91
N ALA A 423 4.30 -4.96 -18.39
CA ALA A 423 3.83 -6.04 -17.53
C ALA A 423 4.89 -7.12 -17.32
N ILE A 424 5.80 -7.25 -18.27
CA ILE A 424 6.91 -8.20 -18.14
C ILE A 424 8.20 -7.51 -17.73
N ALA A 425 8.11 -6.19 -17.56
CA ALA A 425 9.26 -5.34 -17.26
C ALA A 425 10.17 -5.87 -16.16
N GLU A 426 9.58 -6.40 -15.10
CA GLU A 426 10.35 -6.76 -13.91
C GLU A 426 10.64 -8.26 -13.79
N GLY A 427 9.69 -9.09 -14.23
CA GLY A 427 9.82 -10.54 -14.13
C GLY A 427 10.65 -11.13 -15.26
N CYS A 428 10.60 -10.47 -16.41
CA CYS A 428 11.42 -10.83 -17.55
C CYS A 428 12.51 -9.80 -17.74
N MET A 429 12.86 -9.10 -16.66
CA MET A 429 13.75 -7.95 -16.70
C MET A 429 15.07 -8.20 -17.43
N GLN A 430 15.73 -9.31 -17.14
CA GLN A 430 17.04 -9.62 -17.73
C GLN A 430 16.98 -9.91 -19.23
N GLY A 431 16.08 -10.82 -19.61
CA GLY A 431 15.92 -11.19 -21.01
C GLY A 431 15.47 -10.02 -21.86
N MET A 432 15.05 -8.96 -21.17
CA MET A 432 14.59 -7.72 -21.81
C MET A 432 15.71 -6.73 -22.08
N ILE A 433 16.74 -6.77 -21.23
CA ILE A 433 17.87 -5.85 -21.37
C ILE A 433 18.32 -5.69 -22.84
N PRO A 434 18.59 -6.81 -23.55
CA PRO A 434 19.12 -6.73 -24.91
C PRO A 434 18.35 -5.81 -25.85
N TYR A 435 17.04 -6.04 -25.95
CA TYR A 435 16.19 -5.34 -26.91
C TYR A 435 16.09 -3.84 -26.67
N LEU A 436 16.05 -3.45 -25.40
CA LEU A 436 15.82 -2.06 -24.96
C LEU A 436 16.31 -0.95 -25.88
N PRO A 437 17.59 -1.00 -26.31
CA PRO A 437 18.12 0.01 -27.21
C PRO A 437 17.29 0.20 -28.47
N GLU A 438 16.37 -0.72 -28.73
CA GLU A 438 15.46 -0.59 -29.87
C GLU A 438 14.23 0.23 -29.46
N LEU A 439 13.56 -0.22 -28.40
CA LEU A 439 12.22 0.24 -28.03
C LEU A 439 12.24 1.61 -27.40
N ILE A 440 13.07 1.76 -26.38
CA ILE A 440 13.27 3.06 -25.71
C ILE A 440 13.18 4.21 -26.71
N PRO A 441 14.07 4.25 -27.72
CA PRO A 441 14.01 5.25 -28.78
C PRO A 441 12.58 5.56 -29.20
N HIS A 442 11.91 4.56 -29.77
CA HIS A 442 10.54 4.73 -30.23
C HIS A 442 9.63 5.11 -29.08
N LEU A 443 9.74 4.39 -27.98
CA LEU A 443 8.93 4.69 -26.82
C LEU A 443 8.96 6.18 -26.48
N ILE A 444 10.12 6.80 -26.56
CA ILE A 444 10.24 8.24 -26.27
C ILE A 444 9.50 9.07 -27.30
N GLN A 445 9.59 8.68 -28.57
CA GLN A 445 8.81 9.30 -29.63
C GLN A 445 7.32 9.13 -29.32
N CYS A 446 6.96 7.96 -28.80
CA CYS A 446 5.58 7.56 -28.55
C CYS A 446 4.86 8.48 -27.57
N LEU A 447 5.61 9.20 -26.73
CA LEU A 447 5.00 10.12 -25.76
C LEU A 447 4.30 11.28 -26.47
N SER A 448 4.44 11.32 -27.78
CA SER A 448 3.84 12.36 -28.61
C SER A 448 2.63 11.85 -29.42
N ASP A 449 2.39 10.54 -29.36
CA ASP A 449 1.31 9.92 -30.13
C ASP A 449 -0.02 10.63 -29.91
N LYS A 450 -0.62 11.07 -31.01
CA LYS A 450 -1.74 12.00 -30.97
C LYS A 450 -2.88 11.57 -30.07
N LYS A 451 -3.28 10.30 -30.15
CA LYS A 451 -4.35 9.79 -29.30
C LYS A 451 -3.97 9.89 -27.83
N ALA A 452 -4.95 10.24 -26.99
CA ALA A 452 -4.70 10.60 -25.60
C ALA A 452 -4.14 9.45 -24.77
N LEU A 453 -4.89 8.35 -24.71
CA LEU A 453 -4.58 7.20 -23.86
C LEU A 453 -3.25 6.51 -24.13
N VAL A 454 -2.77 6.56 -25.37
CA VAL A 454 -1.46 5.98 -25.69
C VAL A 454 -0.37 6.70 -24.89
N ARG A 455 -0.45 8.02 -24.84
CA ARG A 455 0.51 8.84 -24.09
C ARG A 455 0.57 8.52 -22.59
N SER A 456 -0.33 7.65 -22.12
CA SER A 456 -0.30 7.22 -20.73
C SER A 456 0.62 6.01 -20.55
N ILE A 457 0.28 4.91 -21.20
CA ILE A 457 1.06 3.67 -21.11
C ILE A 457 2.47 3.83 -21.66
N THR A 458 2.59 4.50 -22.80
CA THR A 458 3.91 4.84 -23.35
C THR A 458 4.80 5.30 -22.22
N CYS A 459 4.26 6.23 -21.45
CA CYS A 459 4.94 6.79 -20.30
C CYS A 459 5.16 5.75 -19.21
N TRP A 460 4.09 5.25 -18.62
CA TRP A 460 4.19 4.33 -17.49
C TRP A 460 5.13 3.13 -17.73
N THR A 461 5.13 2.61 -18.94
CA THR A 461 6.02 1.49 -19.28
C THR A 461 7.48 1.90 -19.13
N LEU A 462 7.78 3.14 -19.51
CA LEU A 462 9.14 3.66 -19.40
C LEU A 462 9.61 3.68 -17.95
N SER A 463 8.73 4.12 -17.06
CA SER A 463 9.00 4.16 -15.64
C SER A 463 9.42 2.77 -15.17
N ARG A 464 8.80 1.75 -15.76
CA ARG A 464 9.09 0.37 -15.41
C ARG A 464 10.52 -0.07 -15.71
N TYR A 465 11.29 0.77 -16.41
CA TYR A 465 12.64 0.39 -16.84
C TYR A 465 13.76 1.32 -16.36
N ALA A 466 13.39 2.38 -15.66
CA ALA A 466 14.34 3.42 -15.22
C ALA A 466 15.72 2.88 -14.82
N HIS A 467 15.75 1.73 -14.16
CA HIS A 467 17.00 1.12 -13.68
C HIS A 467 18.01 0.84 -14.80
N TRP A 468 17.51 0.52 -15.99
CA TRP A 468 18.40 0.35 -17.13
C TRP A 468 18.76 1.69 -17.77
N VAL A 469 17.80 2.62 -17.76
CA VAL A 469 18.04 3.98 -18.25
C VAL A 469 19.14 4.63 -17.42
N VAL A 470 18.99 4.55 -16.10
CA VAL A 470 20.04 5.00 -15.19
C VAL A 470 21.15 3.93 -15.03
N SER A 471 21.59 3.38 -16.16
CA SER A 471 22.69 2.43 -16.18
C SER A 471 23.46 2.62 -17.48
N GLN A 472 22.90 3.44 -18.37
CA GLN A 472 23.50 3.78 -19.66
C GLN A 472 23.81 5.28 -19.70
N PRO A 473 24.81 5.69 -20.52
CA PRO A 473 25.33 7.06 -20.50
C PRO A 473 24.24 8.13 -20.38
N PRO A 474 24.32 8.97 -19.32
CA PRO A 474 23.33 10.00 -18.98
C PRO A 474 22.68 10.66 -20.19
N ASP A 475 23.51 11.20 -21.08
CA ASP A 475 23.04 11.97 -22.22
C ASP A 475 22.30 11.12 -23.27
N THR A 476 22.67 9.85 -23.37
CA THR A 476 22.20 8.98 -24.46
C THR A 476 20.73 8.52 -24.36
N TYR A 477 20.23 8.32 -23.14
CA TYR A 477 18.86 7.83 -22.95
C TYR A 477 18.02 8.64 -21.99
N LEU A 478 18.61 9.00 -20.86
CA LEU A 478 17.93 9.81 -19.86
C LEU A 478 17.47 11.15 -20.44
N LYS A 479 18.44 11.88 -20.98
CA LYS A 479 18.23 13.23 -21.51
C LYS A 479 16.91 13.36 -22.31
N PRO A 480 16.78 12.65 -23.45
CA PRO A 480 15.60 12.90 -24.30
C PRO A 480 14.31 12.50 -23.60
N LEU A 481 14.40 11.48 -22.75
CA LEU A 481 13.24 10.95 -22.03
C LEU A 481 12.65 11.99 -21.09
N MET A 482 13.51 12.57 -20.27
CA MET A 482 13.10 13.51 -19.24
C MET A 482 12.64 14.83 -19.86
N THR A 483 13.03 15.05 -21.11
CA THR A 483 12.60 16.21 -21.88
C THR A 483 11.10 16.11 -22.14
N GLU A 484 10.71 15.12 -22.94
CA GLU A 484 9.31 14.86 -23.26
C GLU A 484 8.51 14.52 -22.01
N LEU A 485 9.08 13.64 -21.18
CA LEU A 485 8.44 13.23 -19.94
C LEU A 485 7.97 14.45 -19.19
N LEU A 486 8.80 15.48 -19.19
CA LEU A 486 8.51 16.72 -18.49
C LEU A 486 7.42 17.54 -19.20
N LYS A 487 7.47 17.57 -20.53
CA LYS A 487 6.47 18.29 -21.33
C LYS A 487 5.14 17.57 -21.24
N ARG A 488 5.20 16.25 -21.12
CA ARG A 488 4.03 15.41 -20.99
C ARG A 488 3.40 15.53 -19.59
N ILE A 489 4.07 16.26 -18.70
CA ILE A 489 3.47 16.63 -17.43
C ILE A 489 2.46 17.74 -17.66
N LEU A 490 2.85 18.77 -18.40
CA LEU A 490 2.01 19.94 -18.62
C LEU A 490 0.81 19.69 -19.54
N ASP A 491 0.76 18.48 -20.11
CA ASP A 491 -0.33 18.02 -20.99
C ASP A 491 -1.71 18.41 -20.45
N SER A 492 -2.64 18.71 -21.35
CA SER A 492 -4.01 19.06 -20.97
C SER A 492 -4.94 17.85 -20.92
N ASN A 493 -4.43 16.75 -20.38
CA ASN A 493 -5.19 15.51 -20.22
C ASN A 493 -4.86 14.88 -18.87
N LYS A 494 -5.76 15.07 -17.91
CA LYS A 494 -5.52 14.70 -16.52
C LYS A 494 -4.92 13.29 -16.34
N ARG A 495 -5.43 12.32 -17.10
CA ARG A 495 -4.95 10.94 -17.00
C ARG A 495 -3.50 10.84 -17.48
N VAL A 496 -3.18 11.55 -18.56
CA VAL A 496 -1.81 11.62 -19.07
C VAL A 496 -0.92 12.34 -18.06
N GLN A 497 -1.43 13.46 -17.54
CA GLN A 497 -0.74 14.26 -16.53
C GLN A 497 -0.20 13.40 -15.38
N GLU A 498 -1.11 12.85 -14.59
CA GLU A 498 -0.82 11.99 -13.43
C GLU A 498 0.15 10.84 -13.74
N ALA A 499 -0.07 10.16 -14.86
CA ALA A 499 0.82 9.10 -15.32
C ALA A 499 2.24 9.65 -15.47
N ALA A 500 2.35 10.81 -16.12
CA ALA A 500 3.63 11.47 -16.39
C ALA A 500 4.41 11.78 -15.13
N CYS A 501 3.76 12.37 -14.13
CA CYS A 501 4.44 12.74 -12.89
C CYS A 501 4.91 11.50 -12.17
N SER A 502 4.03 10.50 -12.08
CA SER A 502 4.35 9.24 -11.42
C SER A 502 5.55 8.61 -12.12
N ALA A 503 5.57 8.73 -13.44
CA ALA A 503 6.72 8.31 -14.23
C ALA A 503 7.94 9.10 -13.80
N PHE A 504 7.79 10.41 -13.69
CA PHE A 504 8.90 11.28 -13.34
C PHE A 504 9.41 10.99 -11.93
N ALA A 505 8.49 10.72 -11.01
CA ALA A 505 8.84 10.38 -9.64
C ALA A 505 9.75 9.16 -9.61
N THR A 506 9.30 8.07 -10.24
CA THR A 506 10.09 6.84 -10.31
C THR A 506 11.45 7.14 -10.89
N LEU A 507 11.47 7.89 -11.99
CA LEU A 507 12.68 8.26 -12.69
C LEU A 507 13.71 8.87 -11.74
N GLU A 508 13.25 9.74 -10.86
CA GLU A 508 14.13 10.43 -9.92
C GLU A 508 14.77 9.53 -8.86
N GLU A 509 13.99 8.61 -8.28
CA GLU A 509 14.53 7.62 -7.32
C GLU A 509 15.69 6.84 -7.93
N GLU A 510 15.77 6.90 -9.25
CA GLU A 510 16.80 6.19 -9.98
C GLU A 510 17.96 7.09 -10.37
N ALA A 511 17.70 8.40 -10.49
CA ALA A 511 18.71 9.36 -10.91
C ALA A 511 19.75 9.65 -9.83
N CYS A 512 19.27 10.05 -8.65
CA CYS A 512 20.10 10.19 -7.47
C CYS A 512 21.29 11.14 -7.62
N THR A 513 21.46 11.72 -8.82
CA THR A 513 22.62 12.59 -9.13
C THR A 513 22.58 13.21 -10.53
N GLU A 514 21.80 12.62 -11.43
CA GLU A 514 21.85 12.96 -12.85
C GLU A 514 21.10 14.24 -13.18
N LEU A 515 20.27 14.65 -12.24
CA LEU A 515 19.34 15.75 -12.44
C LEU A 515 19.98 17.10 -12.14
N VAL A 516 21.05 17.07 -11.33
CA VAL A 516 21.77 18.28 -10.91
C VAL A 516 22.02 19.24 -12.09
N PRO A 517 22.43 18.72 -13.27
CA PRO A 517 22.41 19.52 -14.49
C PRO A 517 21.08 20.23 -14.78
N TYR A 518 20.00 19.45 -14.84
CA TYR A 518 18.73 19.90 -15.40
C TYR A 518 17.71 20.49 -14.42
N LEU A 519 18.16 20.80 -13.21
CA LEU A 519 17.27 21.29 -12.16
C LEU A 519 16.53 22.55 -12.57
N ALA A 520 17.25 23.46 -13.22
CA ALA A 520 16.69 24.74 -13.66
C ALA A 520 15.39 24.55 -14.42
N TYR A 521 15.35 23.59 -15.34
CA TYR A 521 14.16 23.34 -16.13
C TYR A 521 13.13 22.58 -15.33
N ILE A 522 13.59 21.56 -14.60
CA ILE A 522 12.71 20.70 -13.79
C ILE A 522 11.76 21.54 -12.96
N LEU A 523 12.33 22.44 -12.15
CA LEU A 523 11.54 23.27 -11.25
C LEU A 523 10.53 24.13 -11.97
N ASP A 524 11.02 24.95 -12.90
CA ASP A 524 10.20 25.98 -13.55
C ASP A 524 8.85 25.45 -13.99
N THR A 525 8.83 24.20 -14.42
CA THR A 525 7.60 23.53 -14.83
C THR A 525 6.84 22.96 -13.64
N LEU A 526 7.57 22.30 -12.74
CA LEU A 526 6.97 21.68 -11.55
C LEU A 526 6.30 22.72 -10.64
N VAL A 527 7.00 23.82 -10.39
CA VAL A 527 6.44 24.91 -9.58
C VAL A 527 5.26 25.56 -10.28
N PHE A 528 5.27 25.51 -11.62
CA PHE A 528 4.15 25.98 -12.39
C PHE A 528 3.09 24.91 -12.42
N ALA A 529 3.49 23.66 -12.21
CA ALA A 529 2.56 22.54 -12.26
C ALA A 529 1.37 22.79 -11.34
N PHE A 530 1.60 23.53 -10.26
CA PHE A 530 0.53 23.97 -9.35
C PHE A 530 -0.51 24.85 -10.03
N SER A 531 -0.04 25.78 -10.88
CA SER A 531 -0.92 26.65 -11.68
C SER A 531 -1.88 25.86 -12.58
N LYS A 532 -1.78 24.52 -12.54
CA LYS A 532 -2.49 23.69 -13.50
C LYS A 532 -2.90 22.32 -12.95
N TYR A 533 -2.57 22.03 -11.69
CA TYR A 533 -2.89 20.70 -11.11
C TYR A 533 -3.95 20.70 -10.01
N GLN A 534 -5.09 20.07 -10.34
CA GLN A 534 -6.19 19.86 -9.40
C GLN A 534 -5.70 19.05 -8.19
N HIS A 535 -6.52 19.02 -7.14
CA HIS A 535 -6.14 18.43 -5.87
C HIS A 535 -5.43 17.07 -6.01
N LYS A 536 -5.99 16.19 -6.84
CA LYS A 536 -5.54 14.79 -6.90
C LYS A 536 -4.14 14.60 -7.48
N ASN A 537 -3.87 15.23 -8.62
CA ASN A 537 -2.54 15.18 -9.22
C ASN A 537 -1.53 16.03 -8.45
N LEU A 538 -2.05 16.80 -7.49
CA LEU A 538 -1.24 17.64 -6.61
C LEU A 538 -0.50 16.80 -5.59
N LEU A 539 -1.15 15.72 -5.14
CA LEU A 539 -0.54 14.78 -4.19
C LEU A 539 0.77 14.23 -4.74
N ILE A 540 0.77 13.88 -6.02
CA ILE A 540 1.91 13.25 -6.66
C ILE A 540 3.08 14.21 -6.76
N LEU A 541 2.77 15.48 -7.03
CA LEU A 541 3.80 16.52 -7.08
C LEU A 541 4.63 16.57 -5.82
N TYR A 542 3.95 16.61 -4.68
CA TYR A 542 4.63 16.59 -3.39
C TYR A 542 5.71 15.53 -3.38
N ASP A 543 5.42 14.37 -3.95
CA ASP A 543 6.39 13.30 -4.02
C ASP A 543 7.43 13.58 -5.08
N ALA A 544 6.99 14.10 -6.24
CA ALA A 544 7.92 14.46 -7.32
C ALA A 544 8.94 15.52 -6.85
N ILE A 545 8.45 16.52 -6.11
CA ILE A 545 9.29 17.45 -5.40
C ILE A 545 10.13 16.70 -4.37
N GLY A 546 9.46 15.95 -3.50
CA GLY A 546 10.12 15.23 -2.42
C GLY A 546 11.30 14.41 -2.92
N THR A 547 11.06 13.64 -3.98
CA THR A 547 12.09 12.83 -4.58
C THR A 547 13.20 13.72 -5.11
N LEU A 548 12.85 14.84 -5.73
CA LEU A 548 13.85 15.75 -6.31
C LEU A 548 14.88 16.19 -5.29
N ALA A 549 14.47 16.99 -4.30
CA ALA A 549 15.35 17.41 -3.23
C ALA A 549 15.97 16.20 -2.49
N ASP A 550 15.25 15.09 -2.49
CA ASP A 550 15.72 13.85 -1.89
C ASP A 550 16.71 13.10 -2.79
N SER A 551 16.98 13.66 -3.98
CA SER A 551 17.82 12.99 -4.96
C SER A 551 18.86 13.89 -5.57
N VAL A 552 18.84 15.18 -5.21
CA VAL A 552 19.82 16.13 -5.74
C VAL A 552 20.72 16.65 -4.63
N GLY A 553 20.38 16.28 -3.40
CA GLY A 553 21.11 16.73 -2.24
C GLY A 553 21.16 18.25 -2.20
N HIS A 554 22.20 18.75 -1.55
CA HIS A 554 22.32 20.16 -1.17
C HIS A 554 22.25 21.11 -2.36
N HIS A 555 22.62 20.61 -3.53
CA HIS A 555 22.74 21.42 -4.74
C HIS A 555 21.57 22.36 -4.97
N LEU A 556 20.38 21.94 -4.54
CA LEU A 556 19.15 22.73 -4.69
C LEU A 556 19.19 24.15 -4.11
N ASN A 557 20.06 24.37 -3.12
CA ASN A 557 20.21 25.70 -2.53
C ASN A 557 20.72 26.72 -3.54
N LYS A 558 19.81 27.57 -4.02
CA LYS A 558 20.11 28.67 -4.93
C LYS A 558 19.02 29.73 -4.79
N PRO A 559 19.41 30.99 -4.51
CA PRO A 559 18.49 32.08 -4.17
C PRO A 559 17.31 32.26 -5.14
N GLU A 560 17.50 31.85 -6.38
CA GLU A 560 16.47 31.91 -7.42
C GLU A 560 15.63 30.63 -7.49
N TYR A 561 16.30 29.48 -7.33
CA TYR A 561 15.66 28.18 -7.29
C TYR A 561 14.60 28.16 -6.19
N ILE A 562 15.04 28.57 -5.01
CA ILE A 562 14.18 28.81 -3.86
C ILE A 562 13.05 29.77 -4.23
N GLN A 563 13.39 30.85 -4.94
CA GLN A 563 12.41 31.88 -5.32
C GLN A 563 11.14 31.30 -5.94
N MET A 564 11.28 30.42 -6.93
CA MET A 564 10.11 29.87 -7.61
C MET A 564 9.41 28.76 -6.83
N LEU A 565 10.14 28.12 -5.92
CA LEU A 565 9.66 26.93 -5.23
C LEU A 565 8.90 27.20 -3.93
N MET A 566 9.39 28.15 -3.13
CA MET A 566 8.82 28.38 -1.81
C MET A 566 7.45 29.04 -1.77
N PRO A 567 7.26 30.17 -2.50
CA PRO A 567 5.94 30.82 -2.47
C PRO A 567 4.74 29.88 -2.69
N PRO A 568 4.77 29.01 -3.73
CA PRO A 568 3.63 28.11 -3.96
C PRO A 568 3.43 27.13 -2.82
N LEU A 569 4.53 26.67 -2.22
CA LEU A 569 4.43 25.77 -1.08
C LEU A 569 3.76 26.46 0.09
N ILE A 570 4.27 27.63 0.47
CA ILE A 570 3.68 28.42 1.54
C ILE A 570 2.20 28.77 1.24
N GLN A 571 1.90 28.96 -0.05
CA GLN A 571 0.51 29.14 -0.51
C GLN A 571 -0.35 27.95 -0.09
N LYS A 572 0.08 26.75 -0.48
CA LYS A 572 -0.64 25.52 -0.16
C LYS A 572 -0.66 25.28 1.34
N TRP A 573 0.37 25.79 2.00
CA TRP A 573 0.54 25.69 3.45
C TRP A 573 -0.62 26.36 4.19
N ASN A 574 -0.85 27.63 3.91
CA ASN A 574 -1.87 28.39 4.63
C ASN A 574 -3.32 28.01 4.34
N MET A 575 -3.58 27.49 3.14
CA MET A 575 -4.90 26.98 2.78
C MET A 575 -5.21 25.69 3.52
N LEU A 576 -4.25 25.21 4.32
CA LEU A 576 -4.41 23.98 5.07
C LEU A 576 -4.53 24.20 6.57
N LYS A 577 -5.73 23.90 7.09
CA LYS A 577 -6.04 24.01 8.52
C LYS A 577 -5.24 22.98 9.32
N ASP A 578 -5.18 23.16 10.64
CA ASP A 578 -4.43 22.25 11.52
C ASP A 578 -5.06 20.86 11.73
N GLU A 579 -6.25 20.65 11.14
CA GLU A 579 -6.95 19.38 11.24
C GLU A 579 -6.85 18.59 9.95
N ASP A 580 -6.54 19.28 8.84
CA ASP A 580 -6.45 18.65 7.52
C ASP A 580 -5.68 17.34 7.55
N LYS A 581 -6.32 16.30 7.02
CA LYS A 581 -5.75 14.96 6.98
C LYS A 581 -4.85 14.76 5.74
N ASP A 582 -4.94 15.67 4.78
CA ASP A 582 -4.02 15.70 3.64
C ASP A 582 -2.95 16.80 3.81
N LEU A 583 -2.81 17.26 5.05
CA LEU A 583 -1.72 18.15 5.45
C LEU A 583 -0.41 17.41 5.32
N PHE A 584 -0.37 16.17 5.81
CA PHE A 584 0.85 15.37 5.79
C PHE A 584 1.65 15.60 4.50
N PRO A 585 1.11 15.18 3.34
CA PRO A 585 1.82 15.28 2.06
C PRO A 585 2.74 16.48 1.94
N LEU A 586 2.22 17.67 2.25
CA LEU A 586 2.97 18.92 2.21
C LEU A 586 4.21 18.87 3.09
N LEU A 587 4.03 18.49 4.35
CA LEU A 587 5.14 18.38 5.26
C LEU A 587 6.15 17.33 4.81
N GLU A 588 5.66 16.20 4.29
CA GLU A 588 6.51 15.08 3.90
C GLU A 588 7.64 15.49 2.97
N CYS A 589 7.30 16.23 1.92
CA CYS A 589 8.32 16.69 1.00
C CYS A 589 9.04 17.90 1.58
N LEU A 590 8.32 18.71 2.35
CA LEU A 590 8.93 19.86 3.00
C LEU A 590 10.11 19.45 3.87
N SER A 591 10.02 18.24 4.42
CA SER A 591 11.12 17.64 5.20
C SER A 591 12.36 17.48 4.33
N SER A 592 12.16 16.94 3.13
CA SER A 592 13.24 16.76 2.17
C SER A 592 13.75 18.12 1.70
N VAL A 593 12.82 19.05 1.50
CA VAL A 593 13.14 20.38 0.99
C VAL A 593 14.00 21.16 1.98
N ALA A 594 13.50 21.32 3.20
CA ALA A 594 14.26 22.00 4.25
C ALA A 594 15.60 21.33 4.50
N THR A 595 15.65 20.02 4.24
CA THR A 595 16.87 19.26 4.40
C THR A 595 17.92 19.67 3.37
N ALA A 596 17.58 19.57 2.09
CA ALA A 596 18.54 19.88 1.02
C ALA A 596 18.79 21.38 0.85
N LEU A 597 17.80 22.19 1.24
CA LEU A 597 17.84 23.63 1.08
C LEU A 597 18.69 24.28 2.17
N GLN A 598 19.21 23.47 3.08
CA GLN A 598 20.12 23.95 4.12
C GLN A 598 19.64 25.26 4.74
N SER A 599 20.55 26.23 4.78
CA SER A 599 20.34 27.51 5.45
C SER A 599 19.50 28.48 4.64
N GLY A 600 19.31 28.18 3.37
CA GLY A 600 18.47 29.00 2.50
C GLY A 600 16.99 28.88 2.85
N PHE A 601 16.71 28.09 3.88
CA PHE A 601 15.37 27.82 4.34
C PHE A 601 15.00 28.72 5.53
N LEU A 602 16.01 29.34 6.13
CA LEU A 602 15.85 30.25 7.26
C LEU A 602 14.70 31.27 7.12
N PRO A 603 14.51 31.85 5.92
CA PRO A 603 13.42 32.80 5.73
C PRO A 603 12.05 32.30 6.14
N TYR A 604 11.89 30.98 6.26
CA TYR A 604 10.56 30.36 6.39
C TYR A 604 10.29 29.57 7.67
N CYS A 605 11.30 29.38 8.51
CA CYS A 605 11.21 28.40 9.60
C CYS A 605 10.55 28.91 10.89
N GLU A 606 10.86 30.13 11.32
CA GLU A 606 10.28 30.69 12.55
C GLU A 606 8.77 30.47 12.69
N PRO A 607 8.01 30.52 11.58
CA PRO A 607 6.68 29.93 11.68
C PRO A 607 6.72 28.39 11.60
N VAL A 608 7.24 27.84 10.51
CA VAL A 608 7.19 26.38 10.26
C VAL A 608 7.56 25.54 11.50
N TYR A 609 8.66 25.91 12.14
CA TYR A 609 9.09 25.29 13.38
C TYR A 609 7.98 25.33 14.42
N GLN A 610 7.53 26.54 14.74
CA GLN A 610 6.49 26.77 15.73
C GLN A 610 5.19 26.06 15.35
N ARG A 611 4.93 26.00 14.04
CA ARG A 611 3.79 25.26 13.53
C ARG A 611 3.98 23.78 13.81
N CYS A 612 5.21 23.30 13.69
CA CYS A 612 5.50 21.89 13.96
C CYS A 612 5.39 21.52 15.44
N VAL A 613 5.87 22.38 16.33
CA VAL A 613 5.80 22.08 17.75
C VAL A 613 4.37 22.11 18.23
N ASN A 614 3.56 22.93 17.59
CA ASN A 614 2.19 23.13 18.03
C ASN A 614 1.29 21.94 17.71
N LEU A 615 1.58 21.25 16.61
CA LEU A 615 0.90 20.00 16.33
C LEU A 615 1.20 19.06 17.48
N VAL A 616 2.49 18.82 17.71
CA VAL A 616 2.93 17.93 18.79
C VAL A 616 2.21 18.31 20.08
N GLN A 617 2.40 19.55 20.51
CA GLN A 617 1.80 20.06 21.72
C GLN A 617 0.35 19.66 21.83
N LYS A 618 -0.42 20.05 20.83
CA LYS A 618 -1.85 19.76 20.76
C LYS A 618 -2.17 18.26 20.75
N THR A 619 -1.33 17.46 20.11
CA THR A 619 -1.58 16.01 20.00
C THR A 619 -1.46 15.29 21.34
N LEU A 620 -0.44 15.65 22.11
CA LEU A 620 -0.22 15.03 23.41
C LEU A 620 -1.34 15.35 24.39
N ALA A 621 -1.81 16.59 24.34
CA ALA A 621 -2.95 17.02 25.14
C ALA A 621 -4.19 16.17 24.86
N GLN A 622 -4.43 15.91 23.57
CA GLN A 622 -5.53 15.08 23.12
C GLN A 622 -5.44 13.68 23.76
N ALA A 623 -4.28 13.06 23.61
CA ALA A 623 -4.02 11.72 24.13
C ALA A 623 -4.12 11.65 25.64
N MET A 624 -3.46 12.59 26.32
CA MET A 624 -3.52 12.67 27.76
C MET A 624 -4.96 12.69 28.23
N LEU A 625 -5.74 13.62 27.69
CA LEU A 625 -7.15 13.75 28.01
C LEU A 625 -7.94 12.50 27.65
N ASN A 626 -7.55 11.83 26.57
CA ASN A 626 -8.16 10.56 26.23
C ASN A 626 -7.70 9.45 27.16
N ASN A 627 -6.41 9.40 27.46
CA ASN A 627 -5.88 8.48 28.46
C ASN A 627 -6.38 8.90 29.86
N ALA A 628 -7.57 9.48 29.90
CA ALA A 628 -8.14 10.02 31.13
C ALA A 628 -9.66 9.98 31.11
N GLN A 629 -10.25 10.40 29.99
CA GLN A 629 -11.70 10.35 29.85
C GLN A 629 -12.09 9.75 28.51
N PRO A 630 -11.83 8.45 28.30
CA PRO A 630 -12.16 7.88 27.01
C PRO A 630 -13.64 8.07 26.73
N ASP A 631 -14.44 7.98 27.79
CA ASP A 631 -15.89 8.17 27.75
C ASP A 631 -16.30 9.58 27.31
N GLN A 632 -15.33 10.49 27.19
CA GLN A 632 -15.60 11.88 26.79
C GLN A 632 -14.77 12.33 25.58
N TYR A 633 -13.44 12.32 25.72
CA TYR A 633 -12.54 12.71 24.64
C TYR A 633 -11.93 11.49 23.97
N GLU A 634 -12.10 11.42 22.66
CA GLU A 634 -11.57 10.32 21.87
C GLU A 634 -10.04 10.38 21.73
N ALA A 635 -9.47 9.29 21.22
CA ALA A 635 -8.04 9.20 20.98
C ALA A 635 -7.58 10.16 19.87
N PRO A 636 -6.32 10.62 19.94
CA PRO A 636 -5.80 11.48 18.88
C PRO A 636 -5.44 10.68 17.63
N ASP A 637 -4.98 11.38 16.59
CA ASP A 637 -4.36 10.71 15.46
C ASP A 637 -2.87 10.99 15.46
N LYS A 638 -2.12 10.04 16.02
CA LYS A 638 -0.70 10.23 16.29
C LYS A 638 0.10 10.45 15.02
N ASP A 639 -0.45 9.98 13.90
CA ASP A 639 0.19 10.14 12.61
C ASP A 639 0.47 11.61 12.30
N PHE A 640 -0.17 12.51 13.06
CA PHE A 640 0.04 13.97 12.96
C PHE A 640 1.31 14.46 13.64
N MET A 641 1.70 13.78 14.71
CA MET A 641 2.92 14.07 15.42
C MET A 641 4.09 13.60 14.61
N ILE A 642 4.08 12.30 14.33
CA ILE A 642 5.06 11.65 13.45
C ILE A 642 5.58 12.63 12.39
N VAL A 643 4.67 13.24 11.64
CA VAL A 643 5.05 14.17 10.60
C VAL A 643 5.73 15.42 11.17
N ALA A 644 5.04 16.12 12.06
CA ALA A 644 5.58 17.31 12.72
C ALA A 644 6.97 17.05 13.28
N LEU A 645 7.17 15.85 13.81
CA LEU A 645 8.46 15.41 14.35
C LEU A 645 9.47 15.20 13.25
N ASP A 646 9.03 14.64 12.13
CA ASP A 646 9.92 14.36 11.02
C ASP A 646 10.41 15.64 10.37
N LEU A 647 9.50 16.58 10.18
CA LEU A 647 9.91 17.89 9.67
C LEU A 647 10.79 18.57 10.71
N LEU A 648 10.49 18.29 11.97
CA LEU A 648 11.15 18.99 13.06
C LEU A 648 12.59 18.58 13.22
N SER A 649 12.94 17.40 12.73
CA SER A 649 14.35 17.03 12.64
C SER A 649 14.82 17.21 11.20
N GLY A 650 13.90 17.57 10.32
CA GLY A 650 14.21 17.89 8.92
C GLY A 650 14.93 19.21 8.85
N LEU A 651 14.50 20.16 9.66
CA LEU A 651 15.20 21.42 9.81
C LEU A 651 16.46 21.13 10.59
N ALA A 652 16.29 20.52 11.76
CA ALA A 652 17.38 20.25 12.67
C ALA A 652 18.54 19.51 12.00
N GLU A 653 18.30 19.06 10.77
CA GLU A 653 19.34 18.47 9.96
C GLU A 653 20.09 19.56 9.19
N GLY A 654 19.51 20.00 8.07
CA GLY A 654 20.15 20.96 7.19
C GLY A 654 20.25 22.37 7.75
N LEU A 655 19.42 22.68 8.74
CA LEU A 655 19.39 23.99 9.36
C LEU A 655 20.41 24.08 10.50
N GLY A 656 20.83 22.92 11.01
CA GLY A 656 21.95 22.81 11.95
C GLY A 656 22.03 23.77 13.11
N GLY A 657 23.25 24.28 13.34
CA GLY A 657 23.56 25.12 14.49
C GLY A 657 22.58 26.25 14.74
N ASN A 658 21.99 26.77 13.67
CA ASN A 658 21.04 27.90 13.73
C ASN A 658 19.80 27.65 14.59
N ILE A 659 19.41 26.38 14.66
CA ILE A 659 18.19 25.99 15.37
C ILE A 659 18.15 26.44 16.84
N GLU A 660 19.33 26.63 17.43
CA GLU A 660 19.46 27.09 18.82
C GLU A 660 18.45 28.17 19.22
N GLN A 661 18.15 29.06 18.28
CA GLN A 661 17.16 30.11 18.51
C GLN A 661 15.82 29.47 18.84
N LEU A 662 15.25 28.81 17.85
CA LEU A 662 13.92 28.25 17.95
C LEU A 662 13.83 27.15 19.00
N VAL A 663 14.92 26.41 19.19
CA VAL A 663 14.96 25.33 20.17
C VAL A 663 14.87 25.83 21.61
N ALA A 664 15.57 26.93 21.89
CA ALA A 664 15.65 27.51 23.23
C ALA A 664 14.29 28.04 23.66
N ARG A 665 13.76 28.98 22.88
CA ARG A 665 12.43 29.51 23.13
C ARG A 665 11.32 28.57 22.64
N SER A 666 11.54 27.27 22.80
CA SER A 666 10.50 26.29 22.49
C SER A 666 10.43 25.19 23.53
N ASN A 667 9.20 24.68 23.69
CA ASN A 667 8.89 23.66 24.66
C ASN A 667 9.36 22.28 24.22
N ILE A 668 10.09 22.24 23.11
CA ILE A 668 10.41 21.01 22.43
C ILE A 668 10.91 19.90 23.37
N LEU A 669 11.92 20.23 24.16
CA LEU A 669 12.62 19.23 24.96
C LEU A 669 11.86 18.76 26.20
N THR A 670 10.54 18.62 26.08
CA THR A 670 9.72 18.01 27.13
C THR A 670 8.64 17.26 26.38
N LEU A 671 8.21 17.88 25.28
CA LEU A 671 7.40 17.23 24.28
C LEU A 671 8.24 16.12 23.67
N MET A 672 9.55 16.38 23.59
CA MET A 672 10.53 15.38 23.20
C MET A 672 10.54 14.22 24.19
N TYR A 673 10.53 14.54 25.49
CA TYR A 673 10.53 13.53 26.55
C TYR A 673 9.27 12.69 26.55
N GLN A 674 8.13 13.35 26.34
CA GLN A 674 6.85 12.63 26.34
C GLN A 674 6.71 11.70 25.16
N CYS A 675 7.13 12.14 23.99
CA CYS A 675 7.01 11.32 22.79
C CYS A 675 7.89 10.06 22.83
N MET A 676 9.00 10.12 23.54
CA MET A 676 9.91 8.97 23.64
C MET A 676 9.38 7.87 24.56
N GLN A 677 8.40 8.20 25.39
CA GLN A 677 7.78 7.20 26.25
C GLN A 677 6.58 6.55 25.58
N ASP A 678 6.19 7.10 24.44
CA ASP A 678 4.97 6.70 23.74
C ASP A 678 4.87 5.19 23.53
N LYS A 679 3.73 4.61 23.89
CA LYS A 679 3.52 3.18 23.70
C LYS A 679 3.57 2.81 22.22
N MET A 680 3.38 3.82 21.38
CA MET A 680 3.43 3.69 19.92
C MET A 680 4.87 3.82 19.41
N PRO A 681 5.28 2.98 18.44
CA PRO A 681 6.69 2.96 18.06
C PRO A 681 7.09 4.06 17.06
N GLU A 682 6.34 4.20 15.97
CA GLU A 682 6.69 5.16 14.90
C GLU A 682 7.00 6.51 15.50
N VAL A 683 6.33 6.81 16.62
CA VAL A 683 6.59 8.00 17.40
C VAL A 683 8.01 7.99 17.95
N ARG A 684 8.32 7.00 18.76
CA ARG A 684 9.63 6.92 19.40
C ARG A 684 10.75 6.94 18.36
N GLN A 685 10.54 6.24 17.26
CA GLN A 685 11.48 6.28 16.16
C GLN A 685 11.85 7.70 15.77
N SER A 686 10.85 8.53 15.50
CA SER A 686 11.07 9.91 15.05
C SER A 686 11.05 10.93 16.20
N SER A 687 11.80 10.63 17.26
CA SER A 687 11.95 11.52 18.38
C SER A 687 13.26 11.17 19.03
N PHE A 688 13.70 9.93 18.79
CA PHE A 688 15.10 9.57 18.96
C PHE A 688 15.87 10.16 17.78
N ALA A 689 15.20 10.23 16.63
CA ALA A 689 15.73 10.85 15.43
C ALA A 689 15.96 12.33 15.72
N LEU A 690 14.88 13.02 16.09
CA LEU A 690 14.97 14.43 16.47
C LEU A 690 16.03 14.65 17.55
N LEU A 691 16.05 13.76 18.54
CA LEU A 691 17.03 13.82 19.61
C LEU A 691 18.43 13.88 19.03
N GLY A 692 18.81 12.85 18.27
CA GLY A 692 20.14 12.79 17.68
C GLY A 692 20.46 14.02 16.86
N ASP A 693 19.56 14.35 15.94
CA ASP A 693 19.71 15.54 15.14
C ASP A 693 20.00 16.74 16.02
N LEU A 694 19.09 17.06 16.94
CA LEU A 694 19.28 18.17 17.85
C LEU A 694 20.59 18.03 18.60
N THR A 695 20.85 16.84 19.13
CA THR A 695 22.06 16.59 19.90
C THR A 695 23.29 17.07 19.14
N LYS A 696 23.43 16.70 17.88
CA LYS A 696 24.58 17.18 17.13
C LYS A 696 24.43 18.62 16.64
N ALA A 697 23.19 19.08 16.50
CA ALA A 697 22.92 20.44 16.05
C ALA A 697 23.10 21.47 17.15
N CYS A 698 22.69 21.12 18.37
CA CYS A 698 22.78 22.04 19.51
C CYS A 698 22.70 21.34 20.87
N PHE A 699 23.66 20.46 21.13
CA PHE A 699 23.77 19.77 22.41
C PHE A 699 23.85 20.76 23.57
N GLN A 700 24.32 21.97 23.23
CA GLN A 700 24.36 23.10 24.14
C GLN A 700 23.04 23.28 24.91
N HIS A 701 21.92 23.06 24.24
CA HIS A 701 20.61 23.17 24.86
C HIS A 701 20.12 21.83 25.41
N VAL A 702 20.59 20.74 24.79
CA VAL A 702 20.15 19.37 25.07
C VAL A 702 20.69 18.78 26.38
N LYS A 703 21.94 19.11 26.70
CA LYS A 703 22.66 18.59 27.87
C LYS A 703 21.85 18.29 29.17
N PRO A 704 21.14 19.30 29.73
CA PRO A 704 20.56 19.05 31.05
C PRO A 704 19.62 17.86 31.06
N CYS A 705 18.98 17.58 29.94
CA CYS A 705 18.03 16.48 29.89
C CYS A 705 18.64 15.10 29.62
N ILE A 706 19.96 14.98 29.73
CA ILE A 706 20.64 13.71 29.43
C ILE A 706 20.28 12.58 30.39
N ALA A 707 20.51 12.79 31.68
CA ALA A 707 20.18 11.77 32.70
C ALA A 707 18.68 11.46 32.73
N ASP A 708 17.88 12.33 32.09
CA ASP A 708 16.47 12.07 31.86
C ASP A 708 16.27 11.20 30.63
N PHE A 709 17.09 11.45 29.60
CA PHE A 709 16.95 10.76 28.31
C PHE A 709 17.63 9.40 28.25
N MET A 710 18.87 9.35 28.72
CA MET A 710 19.67 8.12 28.68
C MET A 710 18.93 6.86 29.11
N PRO A 711 18.33 6.86 30.33
CA PRO A 711 17.49 5.71 30.69
C PRO A 711 16.42 5.35 29.66
N ILE A 712 15.78 6.35 29.04
CA ILE A 712 14.73 6.11 28.05
C ILE A 712 15.29 5.33 26.86
N LEU A 713 16.47 5.75 26.41
CA LEU A 713 17.14 5.11 25.28
C LEU A 713 17.58 3.70 25.66
N GLY A 714 18.26 3.62 26.80
CA GLY A 714 18.72 2.35 27.35
C GLY A 714 17.64 1.29 27.45
N THR A 715 16.43 1.70 27.81
CA THR A 715 15.30 0.78 27.76
C THR A 715 14.97 0.45 26.31
N ASN A 716 14.93 1.49 25.46
CA ASN A 716 14.52 1.36 24.05
C ASN A 716 15.55 0.71 23.10
N LEU A 717 16.53 0.02 23.67
CA LEU A 717 17.50 -0.76 22.89
C LEU A 717 17.01 -2.19 22.66
N ASN A 718 15.69 -2.37 22.77
CA ASN A 718 15.02 -3.60 22.42
C ASN A 718 15.02 -3.80 20.90
N PRO A 719 15.83 -4.77 20.43
CA PRO A 719 16.20 -4.96 19.03
C PRO A 719 15.03 -5.39 18.16
N GLU A 720 13.94 -5.81 18.79
CA GLU A 720 12.80 -6.35 18.07
C GLU A 720 12.01 -5.28 17.32
N PHE A 721 12.24 -4.02 17.66
CA PHE A 721 11.64 -2.92 16.95
C PHE A 721 12.58 -2.30 15.93
N ILE A 722 13.05 -3.15 15.02
CA ILE A 722 13.76 -2.77 13.80
C ILE A 722 14.36 -1.36 13.79
N SER A 723 13.56 -0.39 13.38
CA SER A 723 14.04 0.97 13.18
C SER A 723 14.04 1.74 14.49
N VAL A 724 12.98 1.59 15.27
CA VAL A 724 12.83 2.28 16.54
C VAL A 724 14.11 2.27 17.37
N CYS A 725 14.76 1.11 17.42
CA CYS A 725 15.93 0.99 18.25
C CYS A 725 17.17 1.39 17.47
N ASN A 726 17.14 1.15 16.16
CA ASN A 726 18.21 1.59 15.28
C ASN A 726 18.50 3.10 15.44
N ASN A 727 17.44 3.89 15.60
CA ASN A 727 17.59 5.31 15.87
C ASN A 727 18.22 5.49 17.24
N ALA A 728 17.54 4.97 18.26
CA ALA A 728 17.98 5.09 19.65
C ALA A 728 19.46 4.77 19.81
N THR A 729 19.91 3.78 19.05
CA THR A 729 21.30 3.37 19.05
C THR A 729 22.13 4.52 18.51
N TRP A 730 21.82 4.95 17.29
CA TRP A 730 22.49 6.07 16.68
C TRP A 730 22.48 7.27 17.63
N ALA A 731 21.34 7.53 18.26
CA ALA A 731 21.21 8.65 19.18
C ALA A 731 22.27 8.61 20.27
N ILE A 732 22.41 7.45 20.92
CA ILE A 732 23.44 7.25 21.95
C ILE A 732 24.84 7.53 21.44
N GLY A 733 25.05 7.26 20.16
CA GLY A 733 26.31 7.57 19.48
C GLY A 733 26.58 9.06 19.40
N GLU A 734 25.54 9.85 19.14
CA GLU A 734 25.70 11.28 18.98
C GLU A 734 25.92 11.97 20.31
N ILE A 735 25.13 11.57 21.29
CA ILE A 735 25.30 11.99 22.67
C ILE A 735 26.70 11.65 23.12
N SER A 736 27.08 10.40 22.83
CA SER A 736 28.37 9.85 23.20
C SER A 736 29.45 10.91 23.00
N ILE A 737 29.62 11.33 21.74
CA ILE A 737 30.69 12.26 21.34
C ILE A 737 30.56 13.62 22.03
N GLN A 738 29.35 14.18 21.97
CA GLN A 738 29.05 15.50 22.52
C GLN A 738 29.24 15.57 24.03
N MET A 739 29.13 14.43 24.70
CA MET A 739 29.35 14.33 26.14
C MET A 739 30.83 14.30 26.52
N GLY A 740 31.63 13.59 25.74
CA GLY A 740 33.03 13.35 26.10
C GLY A 740 33.07 12.45 27.31
N ILE A 741 34.14 12.59 28.11
CA ILE A 741 34.32 11.74 29.30
C ILE A 741 33.06 11.64 30.17
N GLU A 742 32.30 12.72 30.27
CA GLU A 742 31.09 12.74 31.09
C GLU A 742 30.06 11.67 30.69
N MET A 743 30.28 10.98 29.56
CA MET A 743 29.45 9.83 29.17
C MET A 743 29.61 8.65 30.16
N GLN A 744 30.81 8.55 30.70
CA GLN A 744 31.23 7.53 31.69
C GLN A 744 30.15 6.80 32.49
N PRO A 745 29.29 7.53 33.26
CA PRO A 745 28.31 6.81 34.08
C PRO A 745 27.27 6.00 33.30
N TYR A 746 27.12 6.30 32.02
CA TYR A 746 26.02 5.77 31.22
C TYR A 746 26.40 4.52 30.45
N ILE A 747 27.67 4.47 30.02
CA ILE A 747 28.20 3.34 29.28
C ILE A 747 27.73 1.98 29.81
N PRO A 748 27.84 1.74 31.14
CA PRO A 748 27.63 0.39 31.70
C PRO A 748 26.39 -0.34 31.21
N MET A 749 25.24 0.33 31.24
CA MET A 749 23.99 -0.35 30.89
C MET A 749 23.86 -0.58 29.40
N VAL A 750 23.91 0.50 28.62
CA VAL A 750 23.82 0.42 27.16
C VAL A 750 24.83 -0.53 26.56
N LEU A 751 26.11 -0.31 26.89
CA LEU A 751 27.22 -1.06 26.34
C LEU A 751 26.90 -2.54 26.18
N HIS A 752 26.65 -3.23 27.29
CA HIS A 752 26.47 -4.69 27.24
C HIS A 752 25.43 -5.13 26.24
N GLN A 753 24.33 -4.37 26.18
CA GLN A 753 23.27 -4.62 25.21
C GLN A 753 23.82 -4.47 23.82
N LEU A 754 24.45 -3.33 23.54
CA LEU A 754 25.03 -3.08 22.23
C LEU A 754 25.89 -4.25 21.77
N VAL A 755 26.75 -4.75 22.66
CA VAL A 755 27.50 -5.96 22.39
C VAL A 755 26.52 -7.05 21.97
N GLU A 756 25.71 -7.53 22.89
CA GLU A 756 24.74 -8.58 22.59
C GLU A 756 24.05 -8.41 21.24
N ILE A 757 23.61 -7.20 20.92
CA ILE A 757 22.92 -6.90 19.66
C ILE A 757 23.82 -7.23 18.49
N ILE A 758 25.01 -6.63 18.51
CA ILE A 758 25.94 -6.75 17.40
C ILE A 758 26.51 -8.16 17.28
N ASN A 759 26.48 -8.90 18.39
CA ASN A 759 26.97 -10.27 18.43
C ASN A 759 25.95 -11.30 17.98
N ARG A 760 24.67 -10.97 18.14
CA ARG A 760 23.63 -11.85 17.69
C ARG A 760 23.55 -11.79 16.16
N PRO A 761 23.36 -12.96 15.51
CA PRO A 761 23.25 -12.95 14.05
C PRO A 761 21.88 -12.45 13.60
N ASN A 762 21.62 -12.52 12.30
CA ASN A 762 20.36 -12.10 11.70
C ASN A 762 19.85 -10.75 12.20
N THR A 763 20.77 -9.87 12.57
CA THR A 763 20.41 -8.55 13.07
C THR A 763 20.54 -7.57 11.91
N PRO A 764 19.41 -7.11 11.34
CA PRO A 764 19.35 -6.31 10.11
C PRO A 764 20.61 -5.47 9.87
N LYS A 765 21.16 -5.56 8.66
CA LYS A 765 22.48 -5.00 8.35
C LYS A 765 22.64 -3.55 8.77
N THR A 766 21.60 -2.77 8.48
CA THR A 766 21.56 -1.35 8.82
C THR A 766 21.76 -1.09 10.31
N LEU A 767 21.07 -1.86 11.15
CA LEU A 767 21.22 -1.75 12.59
C LEU A 767 22.63 -2.10 13.08
N LEU A 768 23.19 -3.19 12.56
CA LEU A 768 24.56 -3.57 12.89
C LEU A 768 25.56 -2.41 12.75
N GLU A 769 25.50 -1.72 11.60
CA GLU A 769 26.34 -0.54 11.35
C GLU A 769 26.05 0.51 12.42
N ASN A 770 24.81 1.00 12.43
CA ASN A 770 24.37 1.93 13.46
C ASN A 770 24.73 1.54 14.88
N THR A 771 25.12 0.28 15.07
CA THR A 771 25.53 -0.24 16.37
C THR A 771 27.05 -0.27 16.53
N ALA A 772 27.74 -0.69 15.47
CA ALA A 772 29.19 -0.77 15.51
C ALA A 772 29.76 0.61 15.71
N ILE A 773 29.19 1.58 14.98
CA ILE A 773 29.62 2.96 15.07
C ILE A 773 29.45 3.43 16.50
N THR A 774 28.25 3.25 17.04
CA THR A 774 27.95 3.66 18.42
C THR A 774 28.94 3.06 19.42
N ILE A 775 29.29 1.79 19.24
CA ILE A 775 30.28 1.16 20.11
C ILE A 775 31.65 1.81 19.94
N GLY A 776 32.03 2.10 18.70
CA GLY A 776 33.27 2.83 18.42
C GLY A 776 33.27 4.24 19.00
N ARG A 777 32.09 4.84 19.05
CA ARG A 777 31.89 6.16 19.61
C ARG A 777 32.21 6.12 21.10
N LEU A 778 31.57 5.19 21.79
CA LEU A 778 31.75 5.02 23.23
C LEU A 778 33.19 4.71 23.62
N GLY A 779 33.81 3.81 22.86
CA GLY A 779 35.22 3.47 23.04
C GLY A 779 36.21 4.63 22.82
N TYR A 780 35.83 5.57 21.96
CA TYR A 780 36.61 6.79 21.80
C TYR A 780 36.46 7.65 23.04
N VAL A 781 35.22 7.99 23.35
CA VAL A 781 34.92 8.95 24.42
C VAL A 781 35.24 8.39 25.81
N CYS A 782 35.16 7.07 25.95
CA CYS A 782 35.48 6.44 27.22
C CYS A 782 36.21 5.12 26.99
N PRO A 783 37.49 5.19 26.59
CA PRO A 783 38.29 4.03 26.19
C PRO A 783 38.41 2.98 27.29
N GLN A 784 38.86 3.41 28.47
CA GLN A 784 39.13 2.53 29.62
C GLN A 784 37.99 1.60 29.98
N GLU A 785 36.78 1.96 29.55
CA GLU A 785 35.55 1.30 29.98
C GLU A 785 35.04 0.30 28.97
N VAL A 786 35.36 0.54 27.69
CA VAL A 786 34.87 -0.29 26.59
C VAL A 786 35.94 -1.24 26.05
N ALA A 787 37.19 -0.77 26.02
CA ALA A 787 38.33 -1.57 25.58
C ALA A 787 38.48 -2.93 26.28
N PRO A 788 38.07 -3.04 27.58
CA PRO A 788 38.13 -4.35 28.23
C PRO A 788 37.23 -5.40 27.58
N MET A 789 36.55 -5.01 26.50
CA MET A 789 35.56 -5.87 25.85
C MET A 789 35.94 -6.21 24.41
N LEU A 790 36.87 -5.44 23.87
CA LEU A 790 37.39 -5.62 22.52
C LEU A 790 37.29 -7.03 21.97
N GLN A 791 37.82 -7.99 22.72
CA GLN A 791 37.95 -9.40 22.30
C GLN A 791 36.63 -9.97 21.82
N GLN A 792 35.54 -9.50 22.44
CA GLN A 792 34.22 -10.07 22.26
C GLN A 792 33.45 -9.46 21.11
N PHE A 793 33.80 -8.24 20.72
CA PHE A 793 33.00 -7.53 19.72
C PHE A 793 33.81 -7.02 18.53
N ILE A 794 35.06 -7.42 18.44
CA ILE A 794 35.89 -6.95 17.35
C ILE A 794 35.39 -7.51 16.01
N ARG A 795 35.17 -8.81 15.99
CA ARG A 795 34.80 -9.53 14.78
C ARG A 795 33.57 -8.93 14.10
N PRO A 796 32.44 -8.79 14.83
CA PRO A 796 31.19 -8.33 14.21
C PRO A 796 31.27 -6.87 13.79
N TRP A 797 31.98 -6.09 14.61
CA TRP A 797 32.26 -4.69 14.35
C TRP A 797 32.94 -4.56 12.99
N CYS A 798 34.16 -5.07 12.90
CA CYS A 798 34.88 -5.06 11.65
C CYS A 798 33.97 -5.41 10.49
N THR A 799 33.44 -6.62 10.49
CA THR A 799 32.64 -7.15 9.38
C THR A 799 31.44 -6.28 8.97
N SER A 800 30.76 -5.68 9.94
CA SER A 800 29.62 -4.83 9.63
C SER A 800 30.04 -3.45 9.15
N LEU A 801 31.16 -2.95 9.69
CA LEU A 801 31.65 -1.64 9.34
C LEU A 801 32.64 -1.67 8.19
N ARG A 802 32.98 -2.87 7.74
CA ARG A 802 33.82 -3.07 6.56
C ARG A 802 33.22 -2.46 5.29
N ASN A 803 31.89 -2.34 5.25
CA ASN A 803 31.21 -1.86 4.06
C ASN A 803 30.34 -0.64 4.28
N ILE A 804 30.97 0.49 4.56
CA ILE A 804 30.30 1.78 4.57
C ILE A 804 31.12 2.88 3.90
N ARG A 805 30.43 3.90 3.40
CA ARG A 805 31.09 5.07 2.82
C ARG A 805 31.83 5.80 3.93
N ASP A 806 33.09 6.16 3.64
CA ASP A 806 34.01 6.70 4.62
C ASP A 806 33.61 8.09 5.09
N ASN A 807 32.36 8.20 5.51
CA ASN A 807 31.73 9.46 5.89
C ASN A 807 32.20 9.98 7.25
N GLU A 808 31.46 10.97 7.77
CA GLU A 808 31.80 11.58 9.06
C GLU A 808 31.73 10.56 10.21
N GLU A 809 30.73 9.69 10.10
CA GLU A 809 30.47 8.67 11.12
C GLU A 809 31.53 7.57 11.17
N LYS A 810 31.92 7.05 10.01
CA LYS A 810 32.89 5.96 9.97
C LYS A 810 34.17 6.35 10.69
N ASP A 811 34.59 7.59 10.49
CA ASP A 811 35.77 8.11 11.15
C ASP A 811 35.53 8.11 12.64
N SER A 812 34.42 8.73 13.04
CA SER A 812 34.04 8.84 14.45
C SER A 812 33.99 7.47 15.13
N ALA A 813 34.05 6.40 14.33
CA ALA A 813 34.02 5.04 14.87
C ALA A 813 35.43 4.47 14.95
N PHE A 814 36.16 4.53 13.83
CA PHE A 814 37.49 3.96 13.75
C PHE A 814 38.47 4.64 14.69
N ARG A 815 38.19 5.90 15.02
CA ARG A 815 39.02 6.60 15.98
C ARG A 815 38.94 5.89 17.31
N GLY A 816 37.74 5.43 17.64
CA GLY A 816 37.49 4.68 18.85
C GLY A 816 38.23 3.35 18.86
N ILE A 817 37.93 2.50 17.87
CA ILE A 817 38.49 1.14 17.82
C ILE A 817 40.00 1.13 18.02
N CYS A 818 40.66 2.21 17.61
CA CYS A 818 42.09 2.37 17.77
C CYS A 818 42.43 2.74 19.21
N THR A 819 41.79 3.79 19.71
CA THR A 819 41.97 4.24 21.10
C THR A 819 41.74 3.06 22.03
N MET A 820 40.84 2.18 21.64
CA MET A 820 40.58 0.95 22.38
C MET A 820 41.70 -0.05 22.18
N ILE A 821 42.11 -0.27 20.94
CA ILE A 821 43.22 -1.19 20.65
C ILE A 821 44.46 -0.79 21.45
N SER A 822 44.66 0.53 21.61
CA SER A 822 45.83 1.07 22.32
C SER A 822 45.74 0.96 23.85
N VAL A 823 44.61 0.48 24.34
CA VAL A 823 44.46 0.20 25.76
C VAL A 823 44.58 -1.30 25.99
N ASN A 824 43.83 -2.08 25.22
CA ASN A 824 43.87 -3.53 25.36
C ASN A 824 44.28 -4.23 24.06
N PRO A 825 45.59 -4.21 23.77
CA PRO A 825 46.11 -4.71 22.50
C PRO A 825 45.77 -6.18 22.34
N SER A 826 45.87 -6.93 23.43
CA SER A 826 45.51 -8.35 23.47
C SER A 826 44.11 -8.61 22.94
N GLY A 827 43.31 -7.54 22.84
CA GLY A 827 41.94 -7.61 22.33
C GLY A 827 41.80 -8.18 20.93
N VAL A 828 42.74 -7.84 20.06
CA VAL A 828 42.64 -8.17 18.63
C VAL A 828 43.59 -9.27 18.11
N ILE A 829 44.43 -9.80 19.01
CA ILE A 829 45.52 -10.73 18.64
C ILE A 829 45.09 -11.91 17.75
N GLN A 830 43.94 -12.51 18.04
CA GLN A 830 43.42 -13.63 17.26
C GLN A 830 42.62 -13.20 16.02
N ASP A 831 42.05 -12.00 16.07
CA ASP A 831 41.22 -11.50 14.98
C ASP A 831 41.83 -10.27 14.29
N PHE A 832 43.15 -10.20 14.29
CA PHE A 832 43.83 -9.10 13.64
C PHE A 832 43.52 -9.09 12.14
N ILE A 833 43.50 -10.28 11.54
CA ILE A 833 43.16 -10.46 10.13
C ILE A 833 41.77 -9.88 9.81
N PHE A 834 40.91 -9.88 10.82
CA PHE A 834 39.61 -9.21 10.77
C PHE A 834 39.79 -7.71 10.71
N PHE A 835 40.70 -7.21 11.54
CA PHE A 835 40.90 -5.78 11.71
C PHE A 835 41.48 -5.14 10.45
N CYS A 836 42.40 -5.84 9.83
CA CYS A 836 43.05 -5.36 8.62
C CYS A 836 42.06 -5.25 7.49
N ASP A 837 41.24 -6.29 7.33
CA ASP A 837 40.16 -6.23 6.36
C ASP A 837 39.22 -5.04 6.61
N ALA A 838 39.21 -4.51 7.83
CA ALA A 838 38.42 -3.33 8.14
C ALA A 838 39.13 -2.07 7.67
N VAL A 839 40.44 -2.02 7.85
CA VAL A 839 41.24 -0.87 7.46
C VAL A 839 41.30 -0.76 5.93
N ALA A 840 41.60 -1.87 5.28
CA ALA A 840 41.63 -1.93 3.81
C ALA A 840 40.23 -1.78 3.25
N SER A 841 39.57 -0.72 3.72
CA SER A 841 38.30 -0.29 3.19
C SER A 841 38.38 1.22 3.08
N TRP A 842 39.19 1.82 3.95
CA TRP A 842 39.39 3.27 3.99
C TRP A 842 40.09 3.80 2.74
N ILE A 843 39.37 4.60 1.96
CA ILE A 843 39.92 5.29 0.79
C ILE A 843 40.72 6.49 1.28
N ASN A 844 40.00 7.45 1.88
CA ASN A 844 40.60 8.63 2.48
C ASN A 844 40.48 8.58 4.00
N PRO A 845 41.58 8.19 4.68
CA PRO A 845 41.67 8.31 6.13
C PRO A 845 42.26 9.66 6.54
N LYS A 846 41.57 10.35 7.44
CA LYS A 846 41.90 11.71 7.84
C LYS A 846 43.30 11.78 8.43
N ASP A 847 44.26 12.14 7.58
CA ASP A 847 45.67 12.27 7.94
C ASP A 847 46.07 11.42 9.15
N ASP A 848 45.92 11.97 10.35
CA ASP A 848 46.36 11.28 11.58
C ASP A 848 45.83 9.86 11.69
N LEU A 849 44.58 9.68 11.28
CA LEU A 849 43.90 8.37 11.30
C LEU A 849 44.60 7.34 10.43
N ARG A 850 45.08 7.78 9.27
CA ARG A 850 45.86 6.95 8.38
C ARG A 850 47.17 6.54 9.07
N ASP A 851 47.77 7.51 9.78
CA ASP A 851 49.01 7.28 10.50
C ASP A 851 48.74 6.53 11.79
N MET A 852 47.48 6.56 12.23
CA MET A 852 47.08 5.88 13.45
C MET A 852 47.00 4.39 13.20
N PHE A 853 46.45 4.00 12.05
CA PHE A 853 46.41 2.59 11.63
C PHE A 853 47.82 2.07 11.42
N CYS A 854 48.59 2.80 10.62
CA CYS A 854 49.93 2.38 10.26
C CYS A 854 50.80 2.17 11.50
N LYS A 855 50.49 2.91 12.56
CA LYS A 855 51.20 2.80 13.83
C LYS A 855 50.82 1.51 14.54
N ILE A 856 49.55 1.13 14.41
CA ILE A 856 49.01 -0.09 15.04
C ILE A 856 49.55 -1.35 14.35
N LEU A 857 49.53 -1.35 13.03
CA LEU A 857 50.00 -2.47 12.21
C LEU A 857 51.48 -2.74 12.47
N HIS A 858 52.29 -1.71 12.24
CA HIS A 858 53.72 -1.78 12.45
C HIS A 858 54.09 -2.19 13.88
N GLY A 859 53.31 -1.71 14.85
CA GLY A 859 53.53 -2.05 16.25
C GLY A 859 53.50 -3.54 16.50
N PHE A 860 52.52 -4.22 15.90
CA PHE A 860 52.30 -5.65 16.15
C PHE A 860 53.24 -6.56 15.38
N LYS A 861 53.59 -6.17 14.15
CA LYS A 861 54.52 -6.95 13.32
C LYS A 861 55.88 -7.16 14.01
N ASN A 862 56.05 -6.49 15.14
CA ASN A 862 57.29 -6.51 15.90
C ASN A 862 57.35 -7.58 17.00
N GLN A 863 56.21 -7.83 17.64
CA GLN A 863 56.12 -8.89 18.66
C GLN A 863 56.17 -10.28 18.03
N VAL A 864 55.65 -10.39 16.81
CA VAL A 864 55.69 -11.64 16.06
C VAL A 864 56.98 -11.74 15.23
N GLY A 865 57.46 -10.59 14.73
CA GLY A 865 58.71 -10.54 13.97
C GLY A 865 58.55 -10.87 12.50
N ASP A 866 59.67 -10.83 11.77
CA ASP A 866 59.71 -11.09 10.33
C ASP A 866 59.26 -12.51 9.98
N GLU A 867 60.02 -13.51 10.45
CA GLU A 867 59.78 -14.94 10.13
C GLU A 867 58.34 -15.37 10.42
N ASN A 868 57.71 -14.65 11.34
CA ASN A 868 56.39 -15.00 11.83
C ASN A 868 55.29 -14.08 11.29
N TRP A 869 55.70 -13.12 10.46
CA TRP A 869 54.75 -12.25 9.80
C TRP A 869 54.13 -12.94 8.60
N ARG A 870 54.90 -13.81 7.96
CA ARG A 870 54.41 -14.62 6.84
C ARG A 870 53.25 -15.52 7.30
N ARG A 871 53.28 -15.90 8.57
CA ARG A 871 52.25 -16.74 9.18
C ARG A 871 50.91 -15.99 9.27
N PHE A 872 50.97 -14.68 9.08
CA PHE A 872 49.80 -13.86 8.86
C PHE A 872 49.70 -13.50 7.37
N SER A 873 50.64 -12.66 6.92
CA SER A 873 50.55 -11.97 5.64
C SER A 873 50.19 -12.84 4.43
N ASP A 874 50.77 -14.03 4.37
CA ASP A 874 50.53 -14.95 3.24
C ASP A 874 49.05 -15.28 3.06
N GLN A 875 48.33 -15.27 4.18
CA GLN A 875 46.92 -15.64 4.22
C GLN A 875 46.02 -14.64 3.48
N PHE A 876 46.53 -13.43 3.30
CA PHE A 876 45.75 -12.32 2.73
C PHE A 876 45.15 -12.58 1.35
N PRO A 877 43.87 -12.17 1.16
CA PRO A 877 43.28 -12.07 -0.18
C PRO A 877 44.05 -11.03 -0.99
N LEU A 878 44.05 -11.19 -2.31
CA LEU A 878 44.87 -10.37 -3.21
C LEU A 878 44.64 -8.85 -3.13
N PRO A 879 43.36 -8.40 -3.09
CA PRO A 879 43.09 -6.97 -2.93
C PRO A 879 43.65 -6.38 -1.63
N LEU A 880 43.27 -6.97 -0.50
CA LEU A 880 43.68 -6.52 0.83
C LEU A 880 45.20 -6.38 0.99
N LYS A 881 45.94 -7.42 0.58
CA LYS A 881 47.40 -7.39 0.63
C LYS A 881 47.94 -6.19 -0.16
N GLU A 882 47.32 -5.93 -1.31
CA GLU A 882 47.76 -4.89 -2.25
C GLU A 882 47.44 -3.46 -1.82
N ARG A 883 46.37 -3.28 -1.07
CA ARG A 883 46.01 -1.98 -0.53
C ARG A 883 46.77 -1.70 0.77
N LEU A 884 47.09 -2.76 1.49
CA LEU A 884 47.81 -2.66 2.76
C LEU A 884 49.29 -2.36 2.55
N ALA A 885 49.98 -3.27 1.88
CA ALA A 885 51.39 -3.09 1.58
C ALA A 885 51.59 -1.86 0.68
N ALA A 886 50.48 -1.24 0.28
CA ALA A 886 50.50 0.00 -0.49
C ALA A 886 50.24 1.23 0.39
N PHE A 887 48.96 1.47 0.71
CA PHE A 887 48.53 2.75 1.28
C PHE A 887 48.98 3.08 2.72
N TYR A 888 49.50 2.10 3.45
CA TYR A 888 49.85 2.29 4.86
C TYR A 888 51.30 1.90 5.15
N GLY A 889 51.50 0.72 5.72
CA GLY A 889 52.84 0.23 6.03
C GLY A 889 53.15 -1.09 5.35
N VAL A 890 54.27 -1.70 5.77
CA VAL A 890 54.70 -2.99 5.25
C VAL A 890 53.72 -4.08 5.71
#